data_5B03
#
_entry.id   5B03
#
_cell.length_a   137.546
_cell.length_b   217.336
_cell.length_c   104.380
_cell.angle_alpha   90.00
_cell.angle_beta   90.00
_cell.angle_gamma   90.00
#
_symmetry.space_group_name_H-M   'C 2 2 2'
#
loop_
_entity.id
_entity.type
_entity.pdbx_description
1 polymer 'MoeN5,DNA-binding protein 7d'
2 non-polymer 'GERANYL DIPHOSPHATE'
3 water water
#
_entity_poly.entity_id   1
_entity_poly.type   'polypeptide(L)'
_entity_poly.pdbx_seq_one_letter_code
;MAHHHHHHVDDDDKMLAAEAANRDHVTRCVAQTGGSPDLVAHTAALRLYLRVPHFLTEWTTDPDRRAAVSRALALDIVSM
KLLDDLMDDDTGLDRVELACVCLRLHLRALHELESLARDPKAVTDILEQDAVHLCGGQIRTKRSRATNLREWRAHASTYG
STFLGRYGALAAACGGEGQPADSVREFAEAFAMTITMADDLTDYDRNGERDGNLAHLMRTGAVAGQDVVDLLEELRGRAL
AAVAAPPGAPGLVPVVHLYTDDVLVRLLPRHLGEAGAGAMATVKFKYKGEEKEVDISKIKKVWRVGKMISFTYDEGGGKT
GRGAVSEKDAPKELLQMLEKQKK
;
_entity_poly.pdbx_strand_id   A,B,C,D
#
# COMPACT_ATOMS: atom_id res chain seq x y z
N VAL A 9 -8.17 -31.57 -0.05
CA VAL A 9 -8.21 -30.27 0.72
C VAL A 9 -7.16 -30.30 1.83
N ASP A 10 -5.93 -29.93 1.47
CA ASP A 10 -4.87 -29.94 2.46
C ASP A 10 -4.85 -28.67 3.31
N ASP A 11 -3.71 -28.44 3.95
CA ASP A 11 -3.54 -27.30 4.82
C ASP A 11 -3.44 -26.03 4.01
N ASP A 12 -2.72 -26.07 2.88
CA ASP A 12 -2.60 -24.87 2.05
C ASP A 12 -3.99 -24.39 1.59
N ASP A 13 -4.94 -25.32 1.46
CA ASP A 13 -6.29 -24.93 1.06
C ASP A 13 -7.01 -24.24 2.18
N LYS A 14 -6.70 -24.63 3.41
CA LYS A 14 -7.30 -23.99 4.54
C LYS A 14 -6.69 -22.59 4.67
N MET A 15 -5.37 -22.48 4.61
CA MET A 15 -4.72 -21.18 4.74
C MET A 15 -5.31 -20.15 3.73
N LEU A 16 -5.40 -20.53 2.46
CA LEU A 16 -5.87 -19.63 1.42
C LEU A 16 -7.30 -19.18 1.57
N ALA A 17 -8.16 -20.05 2.06
CA ALA A 17 -9.54 -19.64 2.22
C ALA A 17 -9.62 -18.82 3.50
N ALA A 18 -8.78 -19.17 4.47
CA ALA A 18 -8.77 -18.41 5.72
C ALA A 18 -8.37 -16.95 5.34
N GLU A 19 -7.29 -16.83 4.58
CA GLU A 19 -6.82 -15.53 4.13
C GLU A 19 -7.90 -14.79 3.30
N ALA A 20 -8.52 -15.44 2.32
CA ALA A 20 -9.56 -14.75 1.55
C ALA A 20 -10.69 -14.29 2.47
N ALA A 21 -11.13 -15.19 3.35
CA ALA A 21 -12.19 -14.88 4.29
C ALA A 21 -11.84 -13.64 5.18
N ASN A 22 -10.62 -13.57 5.71
CA ASN A 22 -10.26 -12.46 6.53
C ASN A 22 -10.21 -11.17 5.74
N ARG A 23 -9.62 -11.23 4.55
CA ARG A 23 -9.52 -10.03 3.73
C ARG A 23 -10.88 -9.43 3.40
N ASP A 24 -11.81 -10.31 3.06
CA ASP A 24 -13.12 -9.86 2.67
C ASP A 24 -13.86 -9.32 3.85
N HIS A 25 -13.61 -9.91 5.00
CA HIS A 25 -14.28 -9.43 6.19
C HIS A 25 -13.78 -8.01 6.52
N VAL A 26 -12.50 -7.78 6.25
CA VAL A 26 -11.86 -6.51 6.50
C VAL A 26 -12.26 -5.46 5.45
N THR A 27 -12.21 -5.80 4.17
CA THR A 27 -12.51 -4.80 3.17
C THR A 27 -13.98 -4.39 3.25
N ARG A 28 -14.85 -5.33 3.57
CA ARG A 28 -16.28 -5.06 3.67
C ARG A 28 -16.48 -4.04 4.80
N CYS A 29 -15.73 -4.27 5.85
CA CYS A 29 -15.79 -3.37 6.97
C CYS A 29 -15.22 -1.96 6.68
N VAL A 30 -14.14 -1.90 5.90
CA VAL A 30 -13.53 -0.62 5.61
C VAL A 30 -14.45 0.18 4.74
N ALA A 31 -15.01 -0.49 3.73
CA ALA A 31 -15.93 0.15 2.81
C ALA A 31 -17.20 0.61 3.51
N GLN A 32 -17.86 -0.27 4.30
CA GLN A 32 -19.12 0.09 4.99
C GLN A 32 -18.98 1.30 5.90
N THR A 33 -17.77 1.67 6.31
CA THR A 33 -17.64 2.83 7.18
C THR A 33 -17.11 4.09 6.49
N GLY A 34 -16.94 4.04 5.20
CA GLY A 34 -16.50 5.27 4.60
C GLY A 34 -15.14 5.24 3.98
N GLY A 35 -14.47 4.09 3.97
CA GLY A 35 -13.17 4.06 3.33
C GLY A 35 -13.17 4.23 1.81
N SER A 36 -12.29 5.09 1.32
CA SER A 36 -12.15 5.32 -0.11
C SER A 36 -11.58 4.08 -0.80
N PRO A 37 -11.75 3.98 -2.11
CA PRO A 37 -11.22 2.79 -2.77
C PRO A 37 -9.71 2.54 -2.58
N ASP A 38 -8.95 3.62 -2.40
CA ASP A 38 -7.50 3.59 -2.19
C ASP A 38 -7.27 2.88 -0.87
N LEU A 39 -7.96 3.35 0.18
CA LEU A 39 -7.82 2.73 1.48
C LEU A 39 -8.28 1.24 1.51
N VAL A 40 -9.34 0.93 0.78
CA VAL A 40 -9.82 -0.42 0.75
C VAL A 40 -8.77 -1.31 0.12
N ALA A 41 -8.16 -0.83 -0.95
CA ALA A 41 -7.15 -1.62 -1.66
C ALA A 41 -5.95 -1.86 -0.75
N HIS A 42 -5.46 -0.75 -0.19
CA HIS A 42 -4.33 -0.76 0.70
C HIS A 42 -4.52 -1.85 1.77
N THR A 43 -5.73 -1.97 2.31
CA THR A 43 -5.95 -2.96 3.34
C THR A 43 -5.92 -4.34 2.78
N ALA A 44 -6.44 -4.55 1.57
CA ALA A 44 -6.43 -5.88 0.98
C ALA A 44 -5.01 -6.27 0.55
N ALA A 45 -4.09 -5.30 0.48
CA ALA A 45 -2.71 -5.62 0.10
C ALA A 45 -1.90 -6.12 1.33
N LEU A 46 -2.48 -6.04 2.51
CA LEU A 46 -1.80 -6.47 3.73
C LEU A 46 -1.84 -7.99 3.85
N ARG A 47 -1.31 -8.68 2.82
CA ARG A 47 -1.30 -10.13 2.75
C ARG A 47 -0.95 -10.91 4.00
N LEU A 48 0.30 -10.79 4.44
CA LEU A 48 0.72 -11.53 5.61
C LEU A 48 -0.11 -11.23 6.87
N TYR A 49 -0.49 -9.97 7.06
CA TYR A 49 -1.30 -9.58 8.23
C TYR A 49 -2.62 -10.27 8.18
N LEU A 50 -3.16 -10.46 6.97
CA LEU A 50 -4.42 -11.15 6.87
C LEU A 50 -4.25 -12.66 7.01
N ARG A 51 -3.04 -13.17 6.78
CA ARG A 51 -2.80 -14.60 6.86
C ARG A 51 -2.34 -15.06 8.25
N VAL A 52 -1.56 -14.26 8.94
CA VAL A 52 -1.07 -14.68 10.22
C VAL A 52 -2.16 -15.16 11.18
N PRO A 53 -3.34 -14.47 11.23
CA PRO A 53 -4.38 -14.94 12.14
C PRO A 53 -4.59 -16.45 12.01
N HIS A 54 -4.66 -16.96 10.77
CA HIS A 54 -4.82 -18.41 10.52
C HIS A 54 -3.74 -19.25 11.24
N PHE A 55 -2.50 -18.78 11.30
CA PHE A 55 -1.50 -19.55 12.02
C PHE A 55 -1.77 -19.49 13.51
N LEU A 56 -2.13 -18.32 14.03
CA LEU A 56 -2.36 -18.19 15.45
C LEU A 56 -3.55 -19.04 15.94
N THR A 57 -4.48 -19.35 15.03
CA THR A 57 -5.66 -20.11 15.39
C THR A 57 -5.56 -21.58 15.08
N GLU A 58 -4.35 -22.01 14.74
CA GLU A 58 -4.14 -23.42 14.42
C GLU A 58 -4.56 -24.49 15.51
N TRP A 59 -4.51 -24.13 16.81
CA TRP A 59 -4.89 -25.05 17.87
C TRP A 59 -6.41 -25.12 18.13
N THR A 60 -7.17 -24.35 17.38
CA THR A 60 -8.62 -24.31 17.55
C THR A 60 -9.33 -25.43 16.76
N THR A 61 -9.79 -26.45 17.46
CA THR A 61 -10.41 -27.62 16.81
C THR A 61 -11.69 -27.34 16.04
N ASP A 62 -12.68 -26.67 16.66
CA ASP A 62 -13.93 -26.36 15.92
C ASP A 62 -13.72 -25.36 14.76
N PRO A 63 -13.97 -25.80 13.53
CA PRO A 63 -13.78 -24.89 12.40
C PRO A 63 -14.59 -23.61 12.38
N ASP A 64 -15.77 -23.62 12.96
CA ASP A 64 -16.55 -22.39 12.96
C ASP A 64 -15.99 -21.38 13.94
N ARG A 65 -15.59 -21.85 15.11
CA ARG A 65 -14.99 -20.93 16.03
C ARG A 65 -13.68 -20.40 15.43
N ARG A 66 -12.93 -21.28 14.76
CA ARG A 66 -11.68 -20.85 14.19
C ARG A 66 -11.79 -19.76 13.13
N ALA A 67 -12.78 -19.84 12.25
CA ALA A 67 -12.94 -18.82 11.21
C ALA A 67 -13.29 -17.45 11.86
N ALA A 68 -14.15 -17.48 12.86
CA ALA A 68 -14.60 -16.30 13.58
C ALA A 68 -13.42 -15.64 14.28
N VAL A 69 -12.70 -16.41 15.08
CA VAL A 69 -11.58 -15.85 15.79
C VAL A 69 -10.52 -15.34 14.80
N SER A 70 -10.39 -16.08 13.69
CA SER A 70 -9.40 -15.74 12.70
C SER A 70 -9.69 -14.37 12.11
N ARG A 71 -10.93 -14.12 11.72
CA ARG A 71 -11.24 -12.84 11.13
C ARG A 71 -11.28 -11.66 12.16
N ALA A 72 -11.61 -11.96 13.41
CA ALA A 72 -11.62 -10.96 14.48
C ALA A 72 -10.19 -10.48 14.73
N LEU A 73 -9.23 -11.41 14.71
CA LEU A 73 -7.84 -11.02 14.89
C LEU A 73 -7.41 -10.18 13.67
N ALA A 74 -7.86 -10.57 12.48
CA ALA A 74 -7.50 -9.84 11.27
C ALA A 74 -7.93 -8.36 11.33
N LEU A 75 -9.16 -8.14 11.77
CA LEU A 75 -9.67 -6.80 11.86
C LEU A 75 -8.78 -6.02 12.78
N ASP A 76 -8.42 -6.55 13.94
CA ASP A 76 -7.57 -5.75 14.79
C ASP A 76 -6.12 -5.58 14.33
N ILE A 77 -5.50 -6.61 13.77
CA ILE A 77 -4.18 -6.45 13.27
C ILE A 77 -4.18 -5.36 12.13
N VAL A 78 -5.13 -5.39 11.19
CA VAL A 78 -5.15 -4.40 10.13
C VAL A 78 -5.29 -3.03 10.77
N SER A 79 -6.13 -2.95 11.78
CA SER A 79 -6.33 -1.71 12.48
C SER A 79 -5.03 -1.04 13.03
N MET A 80 -4.18 -1.87 13.62
CA MET A 80 -2.94 -1.41 14.20
C MET A 80 -1.99 -1.08 13.07
N LYS A 81 -2.17 -1.78 11.96
CA LYS A 81 -1.36 -1.55 10.81
C LYS A 81 -1.68 -0.14 10.31
N LEU A 82 -2.97 0.22 10.23
CA LEU A 82 -3.38 1.55 9.76
C LEU A 82 -2.90 2.64 10.74
N LEU A 83 -3.04 2.41 12.04
CA LEU A 83 -2.57 3.39 13.01
C LEU A 83 -1.08 3.68 12.78
N ASP A 84 -0.39 2.69 12.24
CA ASP A 84 1.02 2.79 11.99
C ASP A 84 1.29 3.64 10.76
N ASP A 85 0.52 3.46 9.70
CA ASP A 85 0.66 4.25 8.48
C ASP A 85 0.34 5.70 8.85
N LEU A 86 -0.47 5.83 9.90
CA LEU A 86 -0.87 7.14 10.37
C LEU A 86 0.26 7.84 11.12
N MET A 87 1.14 7.07 11.75
CA MET A 87 2.22 7.74 12.45
C MET A 87 3.43 7.95 11.55
N ASP A 88 3.56 7.15 10.50
CA ASP A 88 4.67 7.31 9.58
C ASP A 88 4.31 8.37 8.50
N ASP A 89 3.01 8.56 8.27
CA ASP A 89 2.45 9.48 7.26
C ASP A 89 3.18 9.50 5.93
N ASP A 90 3.25 8.32 5.31
CA ASP A 90 3.91 8.17 4.04
C ASP A 90 3.17 7.29 3.03
N THR A 91 1.90 6.97 3.25
CA THR A 91 1.17 6.15 2.28
C THR A 91 0.44 7.00 1.23
N GLY A 92 0.40 8.31 1.46
CA GLY A 92 -0.31 9.16 0.53
C GLY A 92 -1.81 9.03 0.74
N LEU A 93 -2.22 8.23 1.72
CA LEU A 93 -3.62 8.06 2.01
C LEU A 93 -4.15 9.18 2.91
N ASP A 94 -5.46 9.33 2.86
CA ASP A 94 -6.13 10.34 3.63
C ASP A 94 -6.05 10.11 5.13
N ARG A 95 -5.42 11.02 5.87
CA ARG A 95 -5.27 10.84 7.30
C ARG A 95 -6.62 10.72 8.04
N VAL A 96 -7.69 11.35 7.54
CA VAL A 96 -8.93 11.24 8.27
C VAL A 96 -9.48 9.85 8.04
N GLU A 97 -9.50 9.41 6.80
CA GLU A 97 -9.95 8.08 6.54
C GLU A 97 -9.12 7.06 7.34
N LEU A 98 -7.79 7.23 7.37
CA LEU A 98 -6.94 6.26 8.08
C LEU A 98 -7.30 6.21 9.55
N ALA A 99 -7.43 7.39 10.16
CA ALA A 99 -7.75 7.45 11.56
C ALA A 99 -9.10 6.86 11.86
N CYS A 100 -10.06 7.08 10.97
CA CYS A 100 -11.40 6.60 11.23
C CYS A 100 -11.65 5.11 11.03
N VAL A 101 -11.18 4.57 9.91
CA VAL A 101 -11.30 3.16 9.59
C VAL A 101 -10.56 2.38 10.66
N CYS A 102 -9.44 2.93 11.09
CA CYS A 102 -8.66 2.31 12.13
C CYS A 102 -9.50 2.19 13.40
N LEU A 103 -10.04 3.30 13.90
CA LEU A 103 -10.88 3.19 15.10
C LEU A 103 -12.06 2.16 14.91
N ARG A 104 -12.73 2.21 13.76
CA ARG A 104 -13.82 1.33 13.52
C ARG A 104 -13.39 -0.15 13.53
N LEU A 105 -12.39 -0.54 12.73
CA LEU A 105 -11.96 -1.95 12.72
C LEU A 105 -11.65 -2.44 14.12
N HIS A 106 -10.91 -1.63 14.84
CA HIS A 106 -10.53 -1.97 16.20
C HIS A 106 -11.74 -2.28 17.08
N LEU A 107 -12.77 -1.43 17.00
CA LEU A 107 -13.95 -1.57 17.87
C LEU A 107 -14.76 -2.80 17.51
N ARG A 108 -14.85 -3.09 16.21
CA ARG A 108 -15.52 -4.28 15.74
C ARG A 108 -14.75 -5.53 16.27
N ALA A 109 -13.42 -5.51 16.22
CA ALA A 109 -12.64 -6.62 16.69
C ALA A 109 -12.88 -6.89 18.16
N LEU A 110 -12.87 -5.84 18.96
CA LEU A 110 -13.10 -5.96 20.39
C LEU A 110 -14.41 -6.64 20.61
N HIS A 111 -15.40 -6.18 19.89
CA HIS A 111 -16.72 -6.73 20.01
C HIS A 111 -16.80 -8.17 19.55
N GLU A 112 -16.05 -8.52 18.51
CA GLU A 112 -16.09 -9.89 18.02
C GLU A 112 -15.30 -10.81 18.94
N LEU A 113 -14.14 -10.38 19.40
CA LEU A 113 -13.34 -11.20 20.27
C LEU A 113 -14.01 -11.39 21.64
N GLU A 114 -14.66 -10.36 22.13
CA GLU A 114 -15.26 -10.51 23.43
C GLU A 114 -16.45 -11.45 23.43
N SER A 115 -17.08 -11.61 22.28
CA SER A 115 -18.24 -12.47 22.21
C SER A 115 -17.84 -13.89 21.89
N LEU A 116 -16.53 -14.13 21.81
CA LEU A 116 -16.01 -15.45 21.52
C LEU A 116 -15.18 -15.92 22.69
N ALA A 117 -14.86 -15.04 23.63
CA ALA A 117 -14.00 -15.42 24.72
C ALA A 117 -14.66 -16.13 25.88
N ARG A 118 -13.93 -17.04 26.53
CA ARG A 118 -14.50 -17.76 27.68
C ARG A 118 -14.90 -16.73 28.73
N ASP A 119 -14.02 -15.78 28.98
CA ASP A 119 -14.32 -14.73 29.93
C ASP A 119 -14.10 -13.42 29.20
N PRO A 120 -15.15 -12.64 28.89
CA PRO A 120 -14.97 -11.36 28.18
C PRO A 120 -13.82 -10.45 28.66
N LYS A 121 -13.64 -10.38 29.99
CA LYS A 121 -12.59 -9.59 30.61
C LYS A 121 -11.15 -9.94 30.11
N ALA A 122 -10.92 -11.19 29.73
CA ALA A 122 -9.60 -11.57 29.29
C ALA A 122 -9.10 -10.82 28.08
N VAL A 123 -10.00 -10.29 27.27
CA VAL A 123 -9.56 -9.55 26.10
C VAL A 123 -8.88 -8.25 26.54
N THR A 124 -9.56 -7.49 27.40
CA THR A 124 -8.98 -6.27 27.90
C THR A 124 -7.80 -6.62 28.79
N ASP A 125 -7.83 -7.75 29.46
CA ASP A 125 -6.71 -8.10 30.30
C ASP A 125 -5.43 -8.25 29.45
N ILE A 126 -5.54 -8.98 28.35
CA ILE A 126 -4.39 -9.20 27.49
C ILE A 126 -3.93 -7.90 26.84
N LEU A 127 -4.90 -7.13 26.36
CA LEU A 127 -4.56 -5.92 25.70
C LEU A 127 -3.92 -4.92 26.66
N GLU A 128 -4.34 -4.89 27.93
CA GLU A 128 -3.74 -3.95 28.90
C GLU A 128 -2.38 -4.38 29.46
N GLN A 129 -2.24 -5.66 29.80
CA GLN A 129 -1.01 -6.19 30.40
C GLN A 129 0.34 -5.67 29.90
N ASP A 130 0.56 -5.64 28.61
CA ASP A 130 1.82 -5.12 28.15
C ASP A 130 1.63 -3.95 27.17
N ALA A 131 0.58 -3.16 27.38
CA ALA A 131 0.32 -2.02 26.53
C ALA A 131 1.47 -1.00 26.64
N VAL A 132 2.03 -0.86 27.83
CA VAL A 132 3.14 0.07 28.01
C VAL A 132 4.41 -0.43 27.33
N HIS A 133 4.61 -1.75 27.44
CA HIS A 133 5.75 -2.37 26.81
C HIS A 133 5.68 -2.20 25.30
N LEU A 134 4.51 -2.44 24.73
CA LEU A 134 4.33 -2.27 23.29
C LEU A 134 4.38 -0.80 22.86
N CYS A 135 3.68 0.07 23.59
CA CYS A 135 3.65 1.48 23.21
C CYS A 135 4.89 2.30 23.55
N GLY A 136 5.47 2.11 24.75
CA GLY A 136 6.70 2.82 25.07
C GLY A 136 7.78 2.22 24.15
N GLY A 137 7.62 0.94 23.83
CA GLY A 137 8.56 0.26 22.99
C GLY A 137 8.57 0.81 21.58
N GLN A 138 7.40 0.93 20.98
CA GLN A 138 7.33 1.48 19.62
C GLN A 138 7.95 2.90 19.60
N ILE A 139 7.74 3.67 20.68
CA ILE A 139 8.25 5.03 20.71
C ILE A 139 9.76 5.10 20.75
N ARG A 140 10.37 4.26 21.59
CA ARG A 140 11.82 4.18 21.75
C ARG A 140 12.46 3.75 20.47
N THR A 141 11.78 2.90 19.70
CA THR A 141 12.32 2.37 18.46
C THR A 141 12.52 3.40 17.37
N LYS A 142 11.58 4.34 17.32
CA LYS A 142 11.62 5.38 16.33
C LYS A 142 12.44 6.53 16.92
N ARG A 143 12.48 6.62 18.25
CA ARG A 143 13.25 7.68 18.88
C ARG A 143 14.75 7.50 18.64
N SER A 144 15.30 6.34 19.05
CA SER A 144 16.72 6.05 18.91
C SER A 144 17.02 4.82 18.09
N ARG A 145 17.43 5.02 16.84
CA ARG A 145 17.76 3.93 15.93
C ARG A 145 18.83 2.96 16.39
N ALA A 146 18.67 1.71 15.96
CA ALA A 146 19.59 0.63 16.34
C ALA A 146 20.94 0.68 15.58
N THR A 147 22.02 0.24 16.21
CA THR A 147 23.33 0.25 15.55
C THR A 147 24.06 -1.08 15.60
N ASN A 148 23.52 -2.08 16.29
CA ASN A 148 24.10 -3.43 16.37
C ASN A 148 22.93 -4.39 16.49
N LEU A 149 23.21 -5.66 16.27
CA LEU A 149 22.15 -6.66 16.33
C LEU A 149 21.49 -6.73 17.67
N ARG A 150 22.18 -6.32 18.73
CA ARG A 150 21.57 -6.42 20.04
C ARG A 150 20.45 -5.44 20.18
N GLU A 151 20.69 -4.20 19.77
CA GLU A 151 19.68 -3.16 19.86
C GLU A 151 18.56 -3.43 18.85
N TRP A 152 18.89 -4.06 17.74
CA TRP A 152 17.86 -4.35 16.79
C TRP A 152 16.82 -5.35 17.32
N ARG A 153 17.32 -6.43 17.90
CA ARG A 153 16.48 -7.49 18.42
C ARG A 153 15.66 -7.00 19.61
N ALA A 154 16.25 -6.08 20.34
CA ALA A 154 15.63 -5.49 21.50
C ALA A 154 14.41 -4.68 21.03
N HIS A 155 14.62 -3.84 20.01
CA HIS A 155 13.53 -3.03 19.50
C HIS A 155 12.46 -3.95 18.91
N ALA A 156 12.91 -4.90 18.06
CA ALA A 156 12.02 -5.81 17.39
C ALA A 156 11.24 -6.66 18.36
N SER A 157 11.75 -6.81 19.58
CA SER A 157 11.01 -7.66 20.49
C SER A 157 9.74 -6.97 20.95
N THR A 158 9.61 -5.67 20.71
CA THR A 158 8.39 -5.01 21.09
C THR A 158 7.42 -4.83 19.89
N TYR A 159 7.76 -4.00 18.89
CA TYR A 159 6.79 -3.86 17.80
C TYR A 159 6.54 -5.17 16.98
N GLY A 160 7.44 -6.16 17.06
CA GLY A 160 7.20 -7.43 16.35
C GLY A 160 6.67 -8.49 17.34
N SER A 161 7.57 -8.99 18.19
CA SER A 161 7.26 -10.04 19.14
C SER A 161 6.11 -9.78 20.10
N THR A 162 6.20 -8.70 20.86
CA THR A 162 5.16 -8.37 21.82
C THR A 162 3.92 -8.10 21.04
N PHE A 163 4.04 -7.40 19.93
CA PHE A 163 2.88 -7.12 19.13
C PHE A 163 2.08 -8.39 18.68
N LEU A 164 2.77 -9.44 18.18
CA LEU A 164 2.07 -10.66 17.74
C LEU A 164 1.71 -11.54 18.96
N GLY A 165 2.59 -11.55 19.96
CA GLY A 165 2.34 -12.31 21.16
C GLY A 165 0.99 -11.98 21.75
N ARG A 166 0.57 -10.72 21.70
CA ARG A 166 -0.74 -10.39 22.25
C ARG A 166 -1.85 -11.11 21.44
N TYR A 167 -1.72 -11.09 20.11
CA TYR A 167 -2.72 -11.75 19.30
C TYR A 167 -2.68 -13.27 19.53
N GLY A 168 -1.53 -13.76 19.95
CA GLY A 168 -1.40 -15.18 20.23
C GLY A 168 -2.25 -15.45 21.47
N ALA A 169 -1.98 -14.70 22.54
CA ALA A 169 -2.74 -14.84 23.79
C ALA A 169 -4.25 -14.69 23.52
N LEU A 170 -4.65 -13.73 22.69
CA LEU A 170 -6.07 -13.57 22.38
C LEU A 170 -6.58 -14.82 21.63
N ALA A 171 -5.82 -15.28 20.65
CA ALA A 171 -6.23 -16.49 19.93
C ALA A 171 -6.56 -17.63 20.92
N ALA A 172 -5.75 -17.77 21.95
CA ALA A 172 -5.95 -18.83 22.93
C ALA A 172 -7.14 -18.60 23.84
N ALA A 173 -7.38 -17.34 24.16
CA ALA A 173 -8.46 -17.00 25.06
C ALA A 173 -9.80 -17.09 24.39
N CYS A 174 -9.79 -17.01 23.07
CA CYS A 174 -11.05 -17.08 22.32
C CYS A 174 -11.23 -18.40 21.52
N GLY A 175 -10.26 -19.29 21.63
CA GLY A 175 -10.32 -20.53 20.89
C GLY A 175 -10.84 -21.74 21.60
N GLY A 176 -11.58 -21.55 22.68
CA GLY A 176 -12.10 -22.69 23.41
C GLY A 176 -11.09 -23.57 24.17
N GLU A 177 -11.41 -24.85 24.25
CA GLU A 177 -10.56 -25.80 24.96
C GLU A 177 -9.41 -26.37 24.16
N GLY A 178 -8.47 -26.97 24.89
CA GLY A 178 -7.32 -27.56 24.27
C GLY A 178 -6.40 -26.48 23.72
N GLN A 179 -6.14 -25.44 24.52
CA GLN A 179 -5.29 -24.39 24.03
C GLN A 179 -4.19 -24.14 25.05
N PRO A 180 -2.92 -24.39 24.70
CA PRO A 180 -1.81 -24.15 25.63
C PRO A 180 -1.41 -22.68 25.48
N ALA A 181 -2.21 -21.82 26.10
CA ALA A 181 -2.00 -20.39 26.03
C ALA A 181 -0.55 -19.94 25.99
N ASP A 182 0.29 -20.51 26.84
CA ASP A 182 1.68 -20.12 26.84
C ASP A 182 2.42 -20.45 25.58
N SER A 183 2.15 -21.61 25.00
CA SER A 183 2.84 -21.99 23.80
C SER A 183 2.43 -21.15 22.58
N VAL A 184 1.13 -20.87 22.46
CA VAL A 184 0.62 -20.12 21.31
C VAL A 184 1.32 -18.79 21.32
N ARG A 185 1.48 -18.25 22.52
CA ARG A 185 2.13 -16.99 22.62
C ARG A 185 3.62 -17.10 22.25
N GLU A 186 4.31 -18.15 22.72
CA GLU A 186 5.75 -18.36 22.43
C GLU A 186 5.90 -18.46 20.94
N PHE A 187 5.01 -19.21 20.30
CA PHE A 187 5.05 -19.39 18.88
C PHE A 187 4.96 -18.07 18.15
N ALA A 188 3.92 -17.30 18.49
CA ALA A 188 3.66 -16.00 17.90
C ALA A 188 4.86 -15.04 18.02
N GLU A 189 5.41 -14.92 19.23
CA GLU A 189 6.56 -14.06 19.44
C GLU A 189 7.79 -14.42 18.63
N ALA A 190 8.06 -15.71 18.50
CA ALA A 190 9.22 -16.14 17.73
C ALA A 190 8.93 -16.01 16.25
N PHE A 191 7.73 -16.40 15.83
CA PHE A 191 7.39 -16.32 14.41
C PHE A 191 7.46 -14.85 13.96
N ALA A 192 7.00 -13.95 14.83
CA ALA A 192 6.99 -12.53 14.54
C ALA A 192 8.39 -11.91 14.30
N MET A 193 9.33 -12.23 15.18
CA MET A 193 10.70 -11.75 15.07
C MET A 193 11.24 -12.16 13.65
N THR A 194 11.02 -13.43 13.25
CA THR A 194 11.41 -13.92 11.94
C THR A 194 10.86 -13.06 10.79
N ILE A 195 9.57 -12.77 10.86
CA ILE A 195 8.88 -11.94 9.89
C ILE A 195 9.39 -10.52 9.98
N THR A 196 9.67 -10.02 11.17
CA THR A 196 10.17 -8.68 11.23
C THR A 196 11.49 -8.61 10.49
N MET A 197 12.38 -9.60 10.64
CA MET A 197 13.64 -9.51 9.91
C MET A 197 13.37 -9.49 8.40
N ALA A 198 12.53 -10.40 7.95
CA ALA A 198 12.17 -10.49 6.55
C ALA A 198 11.76 -9.14 6.08
N ASP A 199 10.75 -8.59 6.75
CA ASP A 199 10.25 -7.28 6.39
C ASP A 199 11.39 -6.26 6.29
N ASP A 200 12.24 -6.25 7.30
CA ASP A 200 13.35 -5.36 7.31
C ASP A 200 14.23 -5.55 6.07
N LEU A 201 14.47 -6.79 5.69
CA LEU A 201 15.33 -7.08 4.56
C LEU A 201 14.66 -6.94 3.19
N THR A 202 13.36 -6.75 3.20
CA THR A 202 12.61 -6.58 1.98
C THR A 202 12.50 -5.07 1.73
N ASP A 203 12.11 -4.38 2.79
CA ASP A 203 11.90 -2.94 2.84
C ASP A 203 13.11 -2.04 2.61
N TYR A 204 14.29 -2.64 2.63
CA TYR A 204 15.50 -1.87 2.39
C TYR A 204 15.42 -1.34 0.95
N ASP A 205 15.04 -2.20 0.02
CA ASP A 205 14.96 -1.81 -1.38
C ASP A 205 13.53 -1.44 -1.79
N ARG A 206 12.53 -2.02 -1.15
CA ARG A 206 11.16 -1.68 -1.51
C ARG A 206 10.65 -0.36 -0.91
N ASN A 207 11.17 0.02 0.25
CA ASN A 207 10.76 1.25 0.98
C ASN A 207 11.90 2.32 1.07
N GLY A 208 13.11 1.93 0.67
CA GLY A 208 14.25 2.84 0.73
C GLY A 208 14.72 3.11 2.18
N GLU A 209 14.48 2.13 3.06
CA GLU A 209 14.83 2.25 4.48
C GLU A 209 16.29 2.06 4.90
N ARG A 210 16.74 2.93 5.81
CA ARG A 210 18.11 2.96 6.35
C ARG A 210 18.27 3.04 7.88
N ASP A 211 17.82 4.13 8.48
CA ASP A 211 17.97 4.31 9.92
C ASP A 211 17.33 3.28 10.86
N GLY A 212 18.19 2.47 11.50
CA GLY A 212 17.73 1.42 12.40
C GLY A 212 17.41 0.10 11.68
N ASN A 213 17.34 0.17 10.35
CA ASN A 213 17.04 -0.94 9.43
C ASN A 213 18.17 -1.99 9.40
N LEU A 214 17.79 -3.22 9.74
CA LEU A 214 18.72 -4.33 9.79
C LEU A 214 19.59 -4.54 8.56
N ALA A 215 19.01 -4.31 7.40
CA ALA A 215 19.70 -4.49 6.13
C ALA A 215 20.80 -3.45 6.00
N HIS A 216 20.47 -2.25 6.43
CA HIS A 216 21.44 -1.17 6.40
C HIS A 216 22.62 -1.52 7.31
N LEU A 217 22.33 -1.98 8.53
CA LEU A 217 23.39 -2.34 9.45
C LEU A 217 24.26 -3.44 8.86
N MET A 218 23.67 -4.40 8.17
CA MET A 218 24.42 -5.50 7.59
C MET A 218 25.34 -5.01 6.54
N ARG A 219 24.80 -4.19 5.65
CA ARG A 219 25.59 -3.65 4.58
C ARG A 219 26.68 -2.75 5.15
N THR A 220 26.41 -1.99 6.20
CA THR A 220 27.47 -1.16 6.76
C THR A 220 28.51 -1.90 7.63
N GLY A 221 28.33 -3.20 7.85
CA GLY A 221 29.27 -3.93 8.68
C GLY A 221 28.99 -3.87 10.18
N ALA A 222 28.00 -3.07 10.58
CA ALA A 222 27.65 -2.97 12.00
C ALA A 222 27.04 -4.31 12.50
N VAL A 223 26.61 -5.16 11.57
CA VAL A 223 26.03 -6.47 11.91
C VAL A 223 26.56 -7.57 10.98
N ALA A 224 27.10 -8.62 11.58
CA ALA A 224 27.66 -9.75 10.84
C ALA A 224 26.63 -10.76 10.34
N GLY A 225 26.79 -11.20 9.09
CA GLY A 225 25.84 -12.15 8.54
C GLY A 225 25.59 -13.38 9.36
N GLN A 226 26.62 -13.97 9.95
CA GLN A 226 26.44 -15.23 10.70
C GLN A 226 25.62 -15.02 11.97
N ASP A 227 25.69 -13.83 12.53
CA ASP A 227 24.88 -13.57 13.70
C ASP A 227 23.39 -13.58 13.32
N VAL A 228 23.09 -12.91 12.21
CA VAL A 228 21.76 -12.85 11.65
C VAL A 228 21.29 -14.28 11.42
N VAL A 229 22.21 -15.10 10.91
CA VAL A 229 21.89 -16.49 10.66
C VAL A 229 21.57 -17.21 11.96
N ASP A 230 22.31 -16.88 13.01
CA ASP A 230 22.08 -17.54 14.32
C ASP A 230 20.68 -17.24 14.86
N LEU A 231 20.40 -15.94 14.88
CA LEU A 231 19.14 -15.40 15.35
C LEU A 231 18.02 -16.14 14.62
N LEU A 232 18.11 -16.18 13.29
CA LEU A 232 17.15 -16.90 12.50
C LEU A 232 17.00 -18.35 12.99
N GLU A 233 18.09 -19.10 13.21
CA GLU A 233 17.97 -20.49 13.69
C GLU A 233 17.40 -20.57 15.13
N GLU A 234 17.71 -19.60 15.94
CA GLU A 234 17.18 -19.61 17.28
C GLU A 234 15.69 -19.48 17.21
N LEU A 235 15.25 -18.48 16.43
CA LEU A 235 13.83 -18.25 16.28
C LEU A 235 13.13 -19.49 15.74
N ARG A 236 13.71 -20.13 14.72
CA ARG A 236 13.12 -21.34 14.16
C ARG A 236 12.91 -22.32 15.30
N GLY A 237 13.99 -22.49 16.10
CA GLY A 237 13.98 -23.40 17.22
C GLY A 237 12.88 -23.14 18.26
N ARG A 238 12.81 -21.87 18.69
CA ARG A 238 11.79 -21.43 19.64
C ARG A 238 10.40 -21.71 19.06
N ALA A 239 10.23 -21.58 17.75
CA ALA A 239 8.93 -21.81 17.15
C ALA A 239 8.58 -23.29 17.08
N LEU A 240 9.53 -24.11 16.66
CA LEU A 240 9.27 -25.54 16.61
C LEU A 240 8.93 -26.07 18.03
N ALA A 241 9.61 -25.56 19.05
CA ALA A 241 9.32 -26.09 20.36
C ALA A 241 7.95 -25.69 20.79
N ALA A 242 7.56 -24.48 20.43
CA ALA A 242 6.28 -24.01 20.86
C ALA A 242 5.13 -24.81 20.22
N VAL A 243 5.23 -25.13 18.93
CA VAL A 243 4.13 -25.88 18.34
C VAL A 243 4.16 -27.41 18.66
N ALA A 244 5.09 -27.80 19.53
CA ALA A 244 5.22 -29.17 19.94
C ALA A 244 4.70 -29.43 21.39
N ALA A 245 4.49 -28.37 22.17
CA ALA A 245 3.94 -28.54 23.52
C ALA A 245 2.50 -29.12 23.42
N PRO A 246 2.14 -30.09 24.30
CA PRO A 246 0.79 -30.68 24.25
C PRO A 246 -0.31 -29.64 24.37
N PRO A 247 -1.40 -29.75 23.60
CA PRO A 247 -1.81 -30.71 22.57
C PRO A 247 -1.02 -30.74 21.28
N GLY A 248 -0.30 -29.67 20.97
CA GLY A 248 0.49 -29.65 19.75
C GLY A 248 -0.23 -29.08 18.54
N ALA A 249 0.55 -28.48 17.64
CA ALA A 249 0.01 -27.87 16.41
C ALA A 249 1.01 -28.22 15.29
N PRO A 250 1.10 -29.50 14.96
CA PRO A 250 2.02 -29.97 13.93
C PRO A 250 1.88 -29.24 12.60
N GLY A 251 0.70 -28.65 12.35
CA GLY A 251 0.47 -27.94 11.11
C GLY A 251 1.44 -26.80 10.84
N LEU A 252 1.90 -26.17 11.92
CA LEU A 252 2.78 -25.03 11.88
C LEU A 252 4.25 -25.34 11.62
N VAL A 253 4.61 -26.62 11.71
CA VAL A 253 6.00 -26.98 11.47
C VAL A 253 6.47 -26.55 10.08
N PRO A 254 5.80 -27.01 9.01
CA PRO A 254 6.24 -26.59 7.67
C PRO A 254 6.22 -25.07 7.52
N VAL A 255 5.24 -24.41 8.15
CA VAL A 255 5.14 -22.94 8.09
C VAL A 255 6.40 -22.29 8.71
N VAL A 256 6.80 -22.70 9.91
CA VAL A 256 7.98 -22.13 10.50
C VAL A 256 9.16 -22.31 9.53
N HIS A 257 9.29 -23.48 8.90
CA HIS A 257 10.40 -23.66 7.98
C HIS A 257 10.30 -22.80 6.74
N LEU A 258 9.08 -22.57 6.26
CA LEU A 258 8.90 -21.77 5.05
C LEU A 258 9.42 -20.34 5.22
N TYR A 259 9.00 -19.68 6.29
CA TYR A 259 9.41 -18.32 6.50
C TYR A 259 10.88 -18.18 6.89
N THR A 260 11.41 -19.13 7.63
CA THR A 260 12.80 -19.07 8.01
C THR A 260 13.72 -19.31 6.79
N ASP A 261 13.46 -20.36 6.01
CA ASP A 261 14.32 -20.66 4.87
C ASP A 261 14.25 -19.54 3.85
N ASP A 262 13.07 -18.94 3.70
CA ASP A 262 12.98 -17.83 2.77
C ASP A 262 13.92 -16.67 3.14
N VAL A 263 14.03 -16.36 4.43
CA VAL A 263 14.92 -15.29 4.84
C VAL A 263 16.37 -15.76 4.59
N LEU A 264 16.65 -17.02 4.90
CA LEU A 264 18.01 -17.54 4.69
C LEU A 264 18.43 -17.65 3.23
N VAL A 265 17.56 -18.18 2.41
CA VAL A 265 17.86 -18.38 1.02
C VAL A 265 17.66 -17.17 0.11
N ARG A 266 16.52 -16.48 0.22
CA ARG A 266 16.24 -15.35 -0.67
C ARG A 266 16.68 -13.99 -0.18
N LEU A 267 16.29 -13.62 1.03
CA LEU A 267 16.61 -12.30 1.51
C LEU A 267 18.01 -11.95 1.94
N LEU A 268 18.64 -12.85 2.67
CA LEU A 268 19.97 -12.59 3.16
C LEU A 268 21.05 -12.36 2.11
N PRO A 269 21.10 -13.20 1.09
CA PRO A 269 22.14 -13.01 0.06
C PRO A 269 22.08 -11.61 -0.51
N ARG A 270 20.90 -11.01 -0.48
CA ARG A 270 20.77 -9.66 -1.01
C ARG A 270 21.65 -8.69 -0.28
N HIS A 271 21.96 -8.97 0.98
CA HIS A 271 22.77 -8.05 1.77
C HIS A 271 24.16 -8.51 2.11
N LEU A 272 24.47 -9.75 1.74
CA LEU A 272 25.76 -10.40 1.96
C LEU A 272 26.30 -11.10 0.71
N ASP B 10 -19.24 24.53 46.65
CA ASP B 10 -18.89 23.15 47.18
C ASP B 10 -19.14 22.01 46.19
N ASP B 11 -19.93 22.29 45.15
CA ASP B 11 -20.15 21.31 44.09
C ASP B 11 -19.10 21.75 43.10
N ASP B 12 -18.73 23.04 43.19
CA ASP B 12 -17.68 23.56 42.35
C ASP B 12 -16.39 23.05 42.94
N ASP B 13 -16.40 22.84 44.25
CA ASP B 13 -15.19 22.30 44.87
C ASP B 13 -15.03 20.85 44.40
N LYS B 14 -16.14 20.20 44.04
CA LYS B 14 -16.08 18.84 43.50
C LYS B 14 -15.62 18.83 42.01
N MET B 15 -16.17 19.71 41.13
CA MET B 15 -15.77 19.76 39.72
C MET B 15 -14.27 20.03 39.65
N LEU B 16 -13.76 20.92 40.49
CA LEU B 16 -12.34 21.20 40.45
C LEU B 16 -11.49 20.04 40.86
N ALA B 17 -11.90 19.33 41.90
CA ALA B 17 -11.08 18.25 42.35
C ALA B 17 -11.14 17.06 41.41
N ALA B 18 -12.30 16.80 40.82
CA ALA B 18 -12.40 15.69 39.91
C ALA B 18 -11.58 16.00 38.67
N GLU B 19 -11.59 17.25 38.24
CA GLU B 19 -10.82 17.58 37.06
C GLU B 19 -9.33 17.38 37.33
N ALA B 20 -8.88 17.79 38.50
CA ALA B 20 -7.48 17.68 38.90
C ALA B 20 -7.05 16.25 39.00
N ALA B 21 -7.95 15.41 39.48
CA ALA B 21 -7.67 14.00 39.66
C ALA B 21 -7.61 13.31 38.31
N ASN B 22 -8.52 13.67 37.40
CA ASN B 22 -8.53 13.10 36.08
C ASN B 22 -7.23 13.53 35.42
N ARG B 23 -6.86 14.81 35.56
CA ARG B 23 -5.63 15.33 34.95
C ARG B 23 -4.39 14.58 35.42
N ASP B 24 -4.35 14.31 36.71
CA ASP B 24 -3.24 13.59 37.29
C ASP B 24 -3.15 12.21 36.62
N HIS B 25 -4.25 11.47 36.68
CA HIS B 25 -4.30 10.14 36.10
C HIS B 25 -3.88 10.08 34.62
N VAL B 26 -4.30 11.04 33.81
CA VAL B 26 -3.94 11.05 32.41
C VAL B 26 -2.47 11.44 32.17
N THR B 27 -1.98 12.45 32.86
CA THR B 27 -0.61 12.84 32.65
C THR B 27 0.39 11.73 33.12
N ARG B 28 0.15 11.11 34.27
CA ARG B 28 1.05 10.04 34.75
C ARG B 28 1.13 8.92 33.70
N CYS B 29 -0.02 8.60 33.16
CA CYS B 29 -0.17 7.58 32.17
C CYS B 29 0.55 7.96 30.86
N VAL B 30 0.43 9.20 30.41
CA VAL B 30 1.12 9.61 29.20
C VAL B 30 2.61 9.56 29.42
N ALA B 31 3.03 10.01 30.61
CA ALA B 31 4.43 10.02 30.99
C ALA B 31 5.00 8.59 31.06
N GLN B 32 4.36 7.70 31.81
CA GLN B 32 4.89 6.35 31.86
C GLN B 32 4.98 5.67 30.50
N THR B 33 4.11 5.96 29.55
CA THR B 33 4.25 5.30 28.24
C THR B 33 5.34 5.88 27.32
N GLY B 34 5.98 6.96 27.72
CA GLY B 34 7.03 7.49 26.87
C GLY B 34 6.64 8.75 26.18
N GLY B 35 5.59 9.40 26.65
CA GLY B 35 5.20 10.64 26.01
C GLY B 35 6.11 11.78 26.42
N SER B 36 6.53 12.61 25.46
CA SER B 36 7.40 13.75 25.74
C SER B 36 6.70 14.76 26.66
N PRO B 37 7.43 15.79 27.15
CA PRO B 37 6.65 16.69 28.03
C PRO B 37 5.73 17.59 27.23
N ASP B 38 5.91 17.62 25.90
CA ASP B 38 5.06 18.42 25.02
C ASP B 38 3.70 17.85 25.18
N LEU B 39 3.63 16.58 24.74
CA LEU B 39 2.40 15.80 24.76
C LEU B 39 1.86 15.80 26.17
N VAL B 40 2.70 15.63 27.17
CA VAL B 40 2.13 15.69 28.49
C VAL B 40 1.47 17.07 28.72
N ALA B 41 2.12 18.15 28.34
CA ALA B 41 1.54 19.48 28.52
C ALA B 41 0.26 19.60 27.72
N HIS B 42 0.21 19.00 26.55
CA HIS B 42 -0.97 19.08 25.71
C HIS B 42 -2.19 18.40 26.35
N THR B 43 -2.00 17.20 26.91
CA THR B 43 -3.12 16.50 27.50
C THR B 43 -3.56 17.19 28.79
N ALA B 44 -2.64 17.80 29.48
CA ALA B 44 -3.03 18.46 30.68
C ALA B 44 -3.87 19.74 30.33
N ALA B 45 -3.68 20.25 29.12
CA ALA B 45 -4.37 21.44 28.70
C ALA B 45 -5.83 21.16 28.29
N LEU B 46 -6.15 19.89 27.98
CA LEU B 46 -7.50 19.51 27.56
C LEU B 46 -8.52 19.64 28.77
N ARG B 47 -8.65 20.86 29.29
CA ARG B 47 -9.48 21.10 30.44
C ARG B 47 -10.91 20.63 30.46
N LEU B 48 -11.74 21.04 29.51
CA LEU B 48 -13.11 20.61 29.50
C LEU B 48 -13.25 19.09 29.31
N TYR B 49 -12.34 18.56 28.50
CA TYR B 49 -12.30 17.14 28.20
C TYR B 49 -12.11 16.40 29.49
N LEU B 50 -11.19 16.87 30.34
CA LEU B 50 -10.92 16.21 31.57
C LEU B 50 -12.00 16.46 32.56
N ARG B 51 -12.70 17.55 32.36
CA ARG B 51 -13.73 17.93 33.28
C ARG B 51 -15.10 17.33 32.97
N VAL B 52 -15.43 17.15 31.68
CA VAL B 52 -16.73 16.57 31.34
C VAL B 52 -17.09 15.25 32.12
N PRO B 53 -16.14 14.35 32.28
CA PRO B 53 -16.40 13.11 32.99
C PRO B 53 -17.15 13.28 34.27
N HIS B 54 -16.84 14.37 34.98
CA HIS B 54 -17.49 14.65 36.25
C HIS B 54 -19.01 14.89 35.98
N PHE B 55 -19.29 15.64 34.91
CA PHE B 55 -20.68 15.90 34.56
C PHE B 55 -21.41 14.58 34.25
N LEU B 56 -20.77 13.70 33.47
CA LEU B 56 -21.39 12.43 33.06
C LEU B 56 -21.61 11.50 34.22
N THR B 57 -20.79 11.61 35.25
CA THR B 57 -20.96 10.69 36.37
C THR B 57 -21.73 11.25 37.55
N GLU B 58 -22.39 12.36 37.29
CA GLU B 58 -23.13 13.03 38.32
C GLU B 58 -24.23 12.21 38.95
N TRP B 59 -24.70 11.15 38.30
CA TRP B 59 -25.80 10.34 38.85
C TRP B 59 -25.30 9.15 39.70
N THR B 60 -23.99 9.04 39.85
CA THR B 60 -23.35 7.93 40.57
C THR B 60 -23.30 8.24 42.05
N THR B 61 -24.07 7.49 42.82
CA THR B 61 -24.15 7.73 44.25
C THR B 61 -22.86 7.39 45.01
N ASP B 62 -22.23 6.25 44.75
CA ASP B 62 -21.00 5.95 45.49
C ASP B 62 -19.79 6.75 45.00
N PRO B 63 -19.23 7.58 45.90
CA PRO B 63 -18.09 8.41 45.55
C PRO B 63 -16.86 7.70 45.06
N ASP B 64 -16.58 6.53 45.60
CA ASP B 64 -15.38 5.83 45.18
C ASP B 64 -15.50 5.33 43.75
N ARG B 65 -16.71 4.86 43.45
CA ARG B 65 -16.97 4.37 42.15
C ARG B 65 -16.98 5.55 41.18
N ARG B 66 -17.59 6.64 41.62
CA ARG B 66 -17.67 7.81 40.79
C ARG B 66 -16.30 8.32 40.38
N ALA B 67 -15.35 8.29 41.28
CA ALA B 67 -14.03 8.81 40.92
C ALA B 67 -13.37 7.91 39.89
N ALA B 68 -13.49 6.59 40.09
CA ALA B 68 -12.91 5.60 39.18
C ALA B 68 -13.53 5.67 37.77
N VAL B 69 -14.85 5.77 37.66
CA VAL B 69 -15.44 5.88 36.34
C VAL B 69 -14.98 7.24 35.70
N SER B 70 -15.02 8.27 36.51
CA SER B 70 -14.66 9.59 36.03
C SER B 70 -13.28 9.59 35.39
N ARG B 71 -12.29 9.02 36.06
CA ARG B 71 -10.96 9.05 35.45
C ARG B 71 -10.77 8.10 34.26
N ALA B 72 -11.54 7.01 34.25
CA ALA B 72 -11.48 6.07 33.15
C ALA B 72 -12.03 6.77 31.91
N LEU B 73 -13.15 7.50 32.04
CA LEU B 73 -13.70 8.20 30.90
C LEU B 73 -12.68 9.25 30.35
N ALA B 74 -12.04 9.95 31.28
CA ALA B 74 -11.02 10.95 30.91
C ALA B 74 -10.00 10.26 30.00
N LEU B 75 -9.50 9.11 30.45
CA LEU B 75 -8.52 8.36 29.67
C LEU B 75 -8.96 8.16 28.24
N ASP B 76 -10.20 7.71 28.04
CA ASP B 76 -10.65 7.48 26.65
C ASP B 76 -10.97 8.73 25.86
N ILE B 77 -11.55 9.75 26.50
CA ILE B 77 -11.86 10.96 25.75
C ILE B 77 -10.58 11.60 25.28
N VAL B 78 -9.59 11.64 26.18
CA VAL B 78 -8.30 12.22 25.83
C VAL B 78 -7.66 11.41 24.71
N SER B 79 -7.76 10.09 24.81
CA SER B 79 -7.19 9.26 23.78
C SER B 79 -7.80 9.55 22.39
N MET B 80 -9.10 9.80 22.39
CA MET B 80 -9.80 10.06 21.15
C MET B 80 -9.40 11.41 20.59
N LYS B 81 -9.16 12.35 21.48
CA LYS B 81 -8.71 13.67 21.08
C LYS B 81 -7.29 13.59 20.49
N LEU B 82 -6.45 12.71 21.03
CA LEU B 82 -5.12 12.56 20.49
C LEU B 82 -5.20 12.02 19.06
N LEU B 83 -6.05 11.02 18.85
CA LEU B 83 -6.25 10.43 17.53
C LEU B 83 -6.69 11.55 16.53
N ASP B 84 -7.59 12.40 17.01
CA ASP B 84 -8.08 13.52 16.23
C ASP B 84 -6.89 14.46 15.86
N ASP B 85 -5.98 14.73 16.80
CA ASP B 85 -4.79 15.57 16.52
C ASP B 85 -3.92 14.88 15.50
N LEU B 86 -3.91 13.55 15.56
CA LEU B 86 -3.12 12.78 14.64
C LEU B 86 -3.76 12.85 13.27
N MET B 87 -5.06 13.08 13.18
CA MET B 87 -5.61 13.14 11.82
C MET B 87 -5.54 14.52 11.23
N ASP B 88 -5.32 15.54 12.05
CA ASP B 88 -5.19 16.87 11.49
C ASP B 88 -3.72 17.17 11.20
N ASP B 89 -2.84 16.59 12.00
CA ASP B 89 -1.39 16.76 11.82
C ASP B 89 -0.93 18.22 11.79
N ASP B 90 -1.29 18.96 12.83
CA ASP B 90 -1.00 20.37 12.92
C ASP B 90 -0.72 20.79 14.35
N THR B 91 -0.52 19.82 15.25
CA THR B 91 -0.23 20.13 16.67
C THR B 91 1.26 20.40 16.82
N GLY B 92 2.04 19.91 15.84
CA GLY B 92 3.46 20.07 15.93
C GLY B 92 3.99 18.97 16.84
N LEU B 93 3.10 18.24 17.50
CA LEU B 93 3.49 17.16 18.37
C LEU B 93 4.00 16.02 17.47
N ASP B 94 4.82 15.15 18.07
CA ASP B 94 5.40 13.99 17.38
C ASP B 94 4.36 12.89 16.98
N ARG B 95 4.21 12.65 15.68
CA ARG B 95 3.26 11.66 15.22
C ARG B 95 3.37 10.30 15.95
N VAL B 96 4.58 9.85 16.22
CA VAL B 96 4.70 8.57 16.88
C VAL B 96 4.18 8.57 18.35
N GLU B 97 4.60 9.56 19.15
CA GLU B 97 4.13 9.61 20.53
C GLU B 97 2.63 9.72 20.59
N LEU B 98 2.05 10.51 19.69
CA LEU B 98 0.59 10.65 19.66
C LEU B 98 -0.08 9.32 19.40
N ALA B 99 0.37 8.62 18.37
CA ALA B 99 -0.24 7.35 18.06
C ALA B 99 -0.08 6.34 19.20
N CYS B 100 1.11 6.25 19.76
CA CYS B 100 1.30 5.28 20.81
C CYS B 100 0.64 5.64 22.12
N VAL B 101 0.65 6.93 22.46
CA VAL B 101 0.01 7.34 23.70
C VAL B 101 -1.47 7.22 23.55
N CYS B 102 -1.98 7.54 22.37
CA CYS B 102 -3.37 7.36 22.08
C CYS B 102 -3.75 5.88 22.38
N LEU B 103 -3.12 4.95 21.69
CA LEU B 103 -3.42 3.54 21.93
C LEU B 103 -3.30 3.13 23.43
N ARG B 104 -2.23 3.58 24.10
CA ARG B 104 -2.07 3.17 25.47
C ARG B 104 -3.18 3.57 26.39
N LEU B 105 -3.63 4.81 26.28
CA LEU B 105 -4.70 5.36 27.10
C LEU B 105 -6.00 4.65 26.84
N HIS B 106 -6.28 4.46 25.58
CA HIS B 106 -7.50 3.83 25.18
C HIS B 106 -7.55 2.46 25.79
N LEU B 107 -6.45 1.71 25.69
CA LEU B 107 -6.43 0.38 26.25
C LEU B 107 -6.64 0.39 27.75
N ARG B 108 -6.08 1.37 28.41
CA ARG B 108 -6.18 1.50 29.84
C ARG B 108 -7.62 1.74 30.19
N ALA B 109 -8.22 2.63 29.45
CA ALA B 109 -9.61 2.93 29.67
C ALA B 109 -10.51 1.70 29.54
N LEU B 110 -10.30 0.88 28.52
CA LEU B 110 -11.16 -0.26 28.32
C LEU B 110 -11.12 -1.13 29.54
N HIS B 111 -9.90 -1.37 30.01
CA HIS B 111 -9.66 -2.17 31.18
C HIS B 111 -10.32 -1.60 32.41
N GLU B 112 -10.16 -0.32 32.69
CA GLU B 112 -10.76 0.22 33.90
C GLU B 112 -12.30 0.24 33.88
N LEU B 113 -12.86 0.64 32.74
CA LEU B 113 -14.32 0.68 32.54
C LEU B 113 -14.93 -0.72 32.67
N GLU B 114 -14.31 -1.70 32.02
CA GLU B 114 -14.78 -3.08 32.08
C GLU B 114 -14.78 -3.58 33.51
N SER B 115 -13.83 -3.15 34.34
CA SER B 115 -13.78 -3.60 35.71
C SER B 115 -14.89 -3.01 36.55
N LEU B 116 -15.51 -1.95 36.09
CA LEU B 116 -16.58 -1.35 36.88
C LEU B 116 -17.95 -1.58 36.24
N ALA B 117 -17.98 -2.18 35.06
CA ALA B 117 -19.24 -2.36 34.38
C ALA B 117 -20.20 -3.36 34.95
N ARG B 118 -21.48 -3.04 34.79
CA ARG B 118 -22.56 -3.87 35.29
C ARG B 118 -22.56 -5.21 34.61
N ASP B 119 -22.00 -5.25 33.41
CA ASP B 119 -21.98 -6.45 32.63
C ASP B 119 -20.76 -6.51 31.74
N PRO B 120 -20.17 -7.71 31.57
CA PRO B 120 -18.97 -7.95 30.76
C PRO B 120 -18.97 -7.37 29.37
N LYS B 121 -20.02 -7.60 28.60
CA LYS B 121 -20.08 -7.04 27.26
C LYS B 121 -20.59 -5.59 27.12
N ALA B 122 -21.12 -4.98 28.17
CA ALA B 122 -21.61 -3.62 28.04
C ALA B 122 -20.65 -2.56 27.45
N VAL B 123 -19.37 -2.60 27.79
CA VAL B 123 -18.48 -1.60 27.27
C VAL B 123 -18.36 -1.70 25.76
N THR B 124 -17.98 -2.88 25.30
CA THR B 124 -17.82 -3.10 23.88
C THR B 124 -19.15 -3.02 23.16
N ASP B 125 -20.26 -3.35 23.80
CA ASP B 125 -21.52 -3.21 23.08
C ASP B 125 -21.67 -1.76 22.77
N ILE B 126 -21.57 -0.93 23.80
CA ILE B 126 -21.72 0.50 23.59
C ILE B 126 -20.77 1.09 22.52
N LEU B 127 -19.47 0.75 22.60
CA LEU B 127 -18.50 1.27 21.64
C LEU B 127 -18.75 0.81 20.21
N GLU B 128 -19.31 -0.39 20.05
CA GLU B 128 -19.58 -0.91 18.72
C GLU B 128 -20.88 -0.40 18.10
N GLN B 129 -21.94 -0.37 18.92
CA GLN B 129 -23.28 0.07 18.49
C GLN B 129 -23.25 1.12 17.40
N ASP B 130 -22.65 2.26 17.68
CA ASP B 130 -22.62 3.24 16.66
C ASP B 130 -21.23 3.60 16.17
N ALA B 131 -20.35 2.60 16.14
CA ALA B 131 -19.01 2.82 15.64
C ALA B 131 -19.09 3.42 14.26
N VAL B 132 -19.91 2.82 13.41
CA VAL B 132 -19.99 3.28 12.03
C VAL B 132 -20.54 4.68 11.90
N HIS B 133 -21.58 5.00 12.65
CA HIS B 133 -22.15 6.33 12.59
C HIS B 133 -21.09 7.37 13.00
N LEU B 134 -20.31 7.08 14.04
CA LEU B 134 -19.27 7.97 14.50
C LEU B 134 -18.13 8.16 13.53
N CYS B 135 -17.52 7.05 13.15
CA CYS B 135 -16.37 7.00 12.25
C CYS B 135 -16.62 7.47 10.87
N GLY B 136 -17.69 6.94 10.27
CA GLY B 136 -18.09 7.34 8.94
C GLY B 136 -18.61 8.76 9.03
N GLY B 137 -19.23 9.13 10.13
CA GLY B 137 -19.68 10.50 10.24
C GLY B 137 -18.49 11.49 10.25
N GLN B 138 -17.42 11.17 11.00
CA GLN B 138 -16.30 12.09 11.05
C GLN B 138 -15.69 12.18 9.67
N ILE B 139 -15.67 11.04 8.96
CA ILE B 139 -15.13 11.06 7.62
C ILE B 139 -15.90 12.00 6.70
N ARG B 140 -17.23 11.97 6.79
CA ARG B 140 -18.07 12.82 5.92
C ARG B 140 -18.00 14.28 6.33
N THR B 141 -17.74 14.52 7.60
CA THR B 141 -17.65 15.87 8.09
C THR B 141 -16.47 16.59 7.42
N LYS B 142 -15.35 15.89 7.33
CA LYS B 142 -14.15 16.47 6.77
C LYS B 142 -14.17 16.36 5.23
N ARG B 143 -15.08 15.54 4.72
CA ARG B 143 -15.19 15.34 3.30
C ARG B 143 -16.11 16.32 2.55
N SER B 144 -17.12 16.85 3.24
CA SER B 144 -18.10 17.80 2.65
C SER B 144 -18.35 18.90 3.67
N ARG B 145 -17.63 20.01 3.61
CA ARG B 145 -17.85 21.04 4.58
C ARG B 145 -19.29 21.49 4.56
N ALA B 146 -19.78 21.92 5.72
CA ALA B 146 -21.18 22.37 5.89
C ALA B 146 -21.42 23.70 5.20
N THR B 147 -22.59 23.87 4.59
CA THR B 147 -22.87 25.12 3.90
C THR B 147 -24.10 25.87 4.44
N ASN B 148 -24.88 25.20 5.27
CA ASN B 148 -26.02 25.80 5.90
C ASN B 148 -26.14 25.23 7.32
N LEU B 149 -26.93 25.83 8.17
CA LEU B 149 -27.06 25.34 9.51
C LEU B 149 -27.43 23.86 9.58
N ARG B 150 -28.45 23.45 8.83
CA ARG B 150 -28.88 22.05 8.80
C ARG B 150 -27.71 21.07 8.61
N GLU B 151 -26.86 21.33 7.62
CA GLU B 151 -25.74 20.46 7.37
C GLU B 151 -24.77 20.46 8.54
N TRP B 152 -24.51 21.66 9.07
CA TRP B 152 -23.62 21.81 10.19
C TRP B 152 -24.09 20.94 11.37
N ARG B 153 -25.37 21.02 11.66
CA ARG B 153 -25.95 20.27 12.76
C ARG B 153 -25.89 18.77 12.55
N ALA B 154 -26.02 18.34 11.31
CA ALA B 154 -25.97 16.92 11.00
C ALA B 154 -24.55 16.35 11.23
N HIS B 155 -23.54 17.12 10.89
CA HIS B 155 -22.17 16.71 11.12
C HIS B 155 -21.88 16.74 12.62
N ALA B 156 -22.19 17.87 13.26
CA ALA B 156 -21.98 18.01 14.69
C ALA B 156 -22.68 16.89 15.48
N SER B 157 -23.71 16.30 14.88
CA SER B 157 -24.45 15.26 15.54
C SER B 157 -23.59 14.03 15.68
N THR B 158 -22.55 13.92 14.86
CA THR B 158 -21.74 12.74 15.00
C THR B 158 -20.49 12.95 15.83
N TYR B 159 -19.52 13.71 15.33
CA TYR B 159 -18.29 13.87 16.12
C TYR B 159 -18.56 14.63 17.45
N GLY B 160 -19.76 15.22 17.56
CA GLY B 160 -20.13 15.93 18.75
C GLY B 160 -21.07 15.12 19.64
N SER B 161 -22.35 15.12 19.29
CA SER B 161 -23.33 14.42 20.08
C SER B 161 -23.16 12.91 20.22
N THR B 162 -22.93 12.21 19.12
CA THR B 162 -22.73 10.76 19.20
C THR B 162 -21.45 10.49 19.98
N PHE B 163 -20.43 11.30 19.72
CA PHE B 163 -19.16 11.16 20.43
C PHE B 163 -19.34 11.23 21.99
N LEU B 164 -19.89 12.32 22.50
CA LEU B 164 -20.08 12.39 23.94
C LEU B 164 -21.18 11.37 24.42
N GLY B 165 -22.22 11.14 23.60
CA GLY B 165 -23.26 10.23 23.96
C GLY B 165 -22.74 8.86 24.33
N ARG B 166 -21.69 8.41 23.64
CA ARG B 166 -21.17 7.11 23.98
C ARG B 166 -20.62 7.09 25.39
N TYR B 167 -19.88 8.12 25.78
CA TYR B 167 -19.34 8.17 27.14
C TYR B 167 -20.47 8.36 28.14
N GLY B 168 -21.57 8.96 27.71
CA GLY B 168 -22.71 9.07 28.60
C GLY B 168 -23.21 7.65 28.91
N ALA B 169 -23.52 6.87 27.87
CA ALA B 169 -23.95 5.50 28.01
C ALA B 169 -22.95 4.70 28.91
N LEU B 170 -21.65 4.86 28.67
CA LEU B 170 -20.64 4.16 29.49
C LEU B 170 -20.71 4.60 30.99
N ALA B 171 -20.83 5.89 31.27
CA ALA B 171 -20.96 6.33 32.68
C ALA B 171 -22.17 5.56 33.31
N ALA B 172 -23.32 5.56 32.64
CA ALA B 172 -24.47 4.83 33.19
C ALA B 172 -24.22 3.32 33.36
N ALA B 173 -23.50 2.73 32.42
CA ALA B 173 -23.23 1.32 32.47
C ALA B 173 -22.26 1.02 33.55
N CYS B 174 -21.40 1.99 33.86
CA CYS B 174 -20.38 1.75 34.86
C CYS B 174 -20.61 2.32 36.22
N GLY B 175 -21.67 3.11 36.38
CA GLY B 175 -21.93 3.73 37.66
C GLY B 175 -23.00 3.08 38.52
N GLY B 176 -22.87 1.79 38.79
CA GLY B 176 -23.85 1.12 39.62
C GLY B 176 -25.32 1.44 39.46
N GLU B 177 -26.08 1.36 40.54
CA GLU B 177 -27.53 1.57 40.50
C GLU B 177 -28.06 3.01 40.50
N GLY B 178 -29.31 3.16 40.04
CA GLY B 178 -29.97 4.45 39.98
C GLY B 178 -29.48 5.34 38.84
N GLN B 179 -29.16 4.72 37.72
CA GLN B 179 -28.67 5.46 36.58
C GLN B 179 -29.73 5.44 35.49
N PRO B 180 -30.26 6.59 35.10
CA PRO B 180 -31.28 6.53 34.03
C PRO B 180 -30.52 6.58 32.72
N ALA B 181 -29.97 5.44 32.31
CA ALA B 181 -29.17 5.31 31.09
C ALA B 181 -29.58 6.24 29.97
N ASP B 182 -30.84 6.17 29.60
CA ASP B 182 -31.33 7.04 28.56
C ASP B 182 -31.16 8.53 28.80
N SER B 183 -31.38 8.97 30.04
CA SER B 183 -31.25 10.37 30.33
C SER B 183 -29.81 10.84 30.38
N VAL B 184 -28.90 10.01 30.86
CA VAL B 184 -27.51 10.38 30.93
C VAL B 184 -27.05 10.57 29.48
N ARG B 185 -27.41 9.62 28.64
CA ARG B 185 -26.98 9.80 27.29
C ARG B 185 -27.65 11.00 26.63
N GLU B 186 -28.91 11.30 26.94
CA GLU B 186 -29.57 12.45 26.31
C GLU B 186 -28.90 13.77 26.74
N PHE B 187 -28.52 13.89 28.01
CA PHE B 187 -27.77 15.06 28.51
C PHE B 187 -26.46 15.19 27.75
N ALA B 188 -25.68 14.13 27.70
CA ALA B 188 -24.41 14.21 27.00
C ALA B 188 -24.55 14.64 25.54
N GLU B 189 -25.53 14.12 24.83
CA GLU B 189 -25.65 14.48 23.44
C GLU B 189 -26.06 15.95 23.26
N ALA B 190 -26.94 16.43 24.13
CA ALA B 190 -27.37 17.79 24.03
C ALA B 190 -26.23 18.72 24.36
N PHE B 191 -25.65 18.50 25.54
CA PHE B 191 -24.56 19.29 26.05
C PHE B 191 -23.42 19.23 25.05
N ALA B 192 -23.20 18.08 24.41
CA ALA B 192 -22.09 18.01 23.45
C ALA B 192 -22.23 18.98 22.31
N MET B 193 -23.44 19.12 21.79
CA MET B 193 -23.58 20.01 20.71
C MET B 193 -23.40 21.43 21.16
N THR B 194 -23.89 21.77 22.34
CA THR B 194 -23.71 23.12 22.82
C THR B 194 -22.24 23.41 22.82
N ILE B 195 -21.45 22.54 23.43
CA ILE B 195 -19.99 22.70 23.49
C ILE B 195 -19.37 22.70 22.08
N THR B 196 -19.89 21.92 21.17
CA THR B 196 -19.34 21.95 19.82
C THR B 196 -19.52 23.35 19.14
N MET B 197 -20.67 24.01 19.33
CA MET B 197 -20.93 25.32 18.75
C MET B 197 -19.94 26.35 19.35
N ALA B 198 -19.80 26.29 20.67
CA ALA B 198 -18.90 27.15 21.38
C ALA B 198 -17.49 26.97 20.81
N ASP B 199 -17.06 25.72 20.65
CA ASP B 199 -15.73 25.49 20.09
C ASP B 199 -15.56 26.11 18.72
N ASP B 200 -16.53 25.92 17.84
CA ASP B 200 -16.52 26.46 16.48
C ASP B 200 -16.42 28.00 16.50
N LEU B 201 -17.16 28.66 17.38
CA LEU B 201 -17.14 30.10 17.45
C LEU B 201 -15.94 30.66 18.18
N THR B 202 -15.15 29.80 18.80
CA THR B 202 -13.96 30.23 19.51
C THR B 202 -12.78 30.08 18.55
N ASP B 203 -12.73 28.88 17.99
CA ASP B 203 -11.68 28.46 17.09
C ASP B 203 -11.64 29.13 15.72
N TYR B 204 -12.63 29.98 15.42
CA TYR B 204 -12.61 30.73 14.16
C TYR B 204 -11.38 31.68 14.25
N ASP B 205 -11.19 32.28 15.42
CA ASP B 205 -10.08 33.18 15.60
C ASP B 205 -8.88 32.54 16.31
N ARG B 206 -9.13 31.56 17.21
CA ARG B 206 -8.02 30.92 17.91
C ARG B 206 -7.17 29.96 17.03
N ASN B 207 -7.80 29.30 16.06
CA ASN B 207 -7.14 28.36 15.13
C ASN B 207 -7.17 28.81 13.63
N GLY B 208 -7.81 29.96 13.37
CA GLY B 208 -7.93 30.45 12.00
C GLY B 208 -8.84 29.65 11.08
N GLU B 209 -9.77 28.86 11.65
CA GLU B 209 -10.70 28.01 10.89
C GLU B 209 -11.82 28.67 10.11
N ARG B 210 -12.08 28.12 8.93
CA ARG B 210 -13.12 28.65 8.06
C ARG B 210 -14.01 27.58 7.36
N ASP B 211 -13.42 26.56 6.75
CA ASP B 211 -14.22 25.54 6.03
C ASP B 211 -15.13 24.61 6.88
N GLY B 212 -16.44 24.79 6.72
CA GLY B 212 -17.45 24.03 7.44
C GLY B 212 -17.67 24.56 8.85
N ASN B 213 -17.00 25.65 9.19
CA ASN B 213 -17.03 26.29 10.52
C ASN B 213 -18.26 27.20 10.68
N LEU B 214 -19.01 27.00 11.74
CA LEU B 214 -20.21 27.79 11.95
C LEU B 214 -20.08 29.32 12.01
N ALA B 215 -18.99 29.85 12.55
CA ALA B 215 -18.80 31.31 12.65
C ALA B 215 -18.64 31.87 11.27
N HIS B 216 -17.87 31.14 10.49
CA HIS B 216 -17.65 31.49 9.12
C HIS B 216 -19.01 31.53 8.43
N LEU B 217 -19.77 30.44 8.51
CA LEU B 217 -21.09 30.41 7.87
C LEU B 217 -21.98 31.57 8.33
N MET B 218 -21.75 32.03 9.55
CA MET B 218 -22.52 33.14 10.09
C MET B 218 -22.02 34.43 9.47
N ARG B 219 -20.71 34.67 9.57
CA ARG B 219 -20.12 35.86 8.98
C ARG B 219 -20.46 35.95 7.46
N THR B 220 -20.62 34.80 6.84
CA THR B 220 -20.95 34.63 5.42
C THR B 220 -22.42 34.87 5.06
N GLY B 221 -23.31 34.87 6.04
CA GLY B 221 -24.70 35.06 5.73
C GLY B 221 -25.41 33.75 5.44
N ALA B 222 -24.64 32.68 5.24
CA ALA B 222 -25.21 31.38 4.98
C ALA B 222 -25.98 30.80 6.18
N VAL B 223 -25.80 31.34 7.38
CA VAL B 223 -26.52 30.83 8.56
C VAL B 223 -26.93 32.03 9.38
N ALA B 224 -28.21 32.10 9.72
CA ALA B 224 -28.81 33.23 10.44
C ALA B 224 -28.73 33.20 11.94
N GLY B 225 -28.36 34.34 12.50
CA GLY B 225 -28.18 34.43 13.93
C GLY B 225 -29.30 33.84 14.76
N GLN B 226 -30.53 34.21 14.43
CA GLN B 226 -31.65 33.76 15.22
C GLN B 226 -31.75 32.26 15.19
N ASP B 227 -31.36 31.63 14.10
CA ASP B 227 -31.42 30.17 14.07
C ASP B 227 -30.47 29.56 15.07
N VAL B 228 -29.24 30.09 15.12
CA VAL B 228 -28.23 29.64 16.07
C VAL B 228 -28.75 29.81 17.51
N VAL B 229 -29.43 30.95 17.78
CA VAL B 229 -30.00 31.18 19.10
C VAL B 229 -31.10 30.12 19.37
N ASP B 230 -31.86 29.75 18.35
CA ASP B 230 -32.92 28.77 18.57
C ASP B 230 -32.31 27.40 18.89
N LEU B 231 -31.35 26.96 18.08
CA LEU B 231 -30.73 25.69 18.29
C LEU B 231 -30.14 25.69 19.70
N LEU B 232 -29.43 26.74 20.04
CA LEU B 232 -28.90 26.82 21.39
C LEU B 232 -30.00 26.64 22.46
N GLU B 233 -31.16 27.28 22.25
CA GLU B 233 -32.24 27.17 23.22
C GLU B 233 -32.81 25.77 23.26
N GLU B 234 -32.92 25.14 22.11
CA GLU B 234 -33.40 23.78 22.01
C GLU B 234 -32.45 22.85 22.79
N LEU B 235 -31.14 23.03 22.56
CA LEU B 235 -30.15 22.22 23.24
C LEU B 235 -30.20 22.35 24.76
N ARG B 236 -30.46 23.56 25.24
CA ARG B 236 -30.55 23.84 26.66
C ARG B 236 -31.74 23.10 27.25
N GLY B 237 -32.86 23.16 26.52
CA GLY B 237 -34.07 22.49 26.99
C GLY B 237 -33.89 20.99 27.00
N ARG B 238 -33.25 20.47 25.97
CA ARG B 238 -33.03 19.04 25.89
C ARG B 238 -32.20 18.64 27.10
N ALA B 239 -31.16 19.41 27.39
CA ALA B 239 -30.31 19.08 28.51
C ALA B 239 -31.03 19.18 29.88
N LEU B 240 -31.79 20.26 30.05
CA LEU B 240 -32.50 20.43 31.30
C LEU B 240 -33.46 19.25 31.53
N ALA B 241 -34.18 18.84 30.48
CA ALA B 241 -35.13 17.75 30.62
C ALA B 241 -34.43 16.48 31.06
N ALA B 242 -33.29 16.20 30.47
CA ALA B 242 -32.54 14.99 30.80
C ALA B 242 -32.11 14.93 32.24
N VAL B 243 -31.63 16.04 32.78
CA VAL B 243 -31.18 16.02 34.15
C VAL B 243 -32.37 16.09 35.09
N ALA B 244 -33.57 16.26 34.55
CA ALA B 244 -34.74 16.29 35.39
C ALA B 244 -35.33 14.89 35.57
N ALA B 245 -35.14 14.00 34.64
CA ALA B 245 -35.67 12.65 34.78
C ALA B 245 -35.27 12.03 36.12
N PRO B 246 -36.18 11.29 36.78
CA PRO B 246 -35.77 10.69 38.07
C PRO B 246 -34.70 9.60 37.96
N PRO B 247 -33.83 9.49 38.97
CA PRO B 247 -33.72 10.26 40.21
C PRO B 247 -33.27 11.71 40.11
N GLY B 248 -32.81 12.15 38.95
CA GLY B 248 -32.44 13.55 38.84
C GLY B 248 -30.99 13.93 39.11
N ALA B 249 -30.52 14.98 38.47
CA ALA B 249 -29.14 15.45 38.71
C ALA B 249 -29.23 16.98 38.64
N PRO B 250 -29.92 17.57 39.64
CA PRO B 250 -30.16 19.04 39.76
C PRO B 250 -28.85 19.81 39.71
N GLY B 251 -27.78 19.13 40.14
CA GLY B 251 -26.48 19.75 40.12
C GLY B 251 -26.00 20.22 38.75
N LEU B 252 -26.49 19.60 37.70
CA LEU B 252 -26.11 19.92 36.35
C LEU B 252 -26.87 21.10 35.76
N VAL B 253 -27.96 21.51 36.41
CA VAL B 253 -28.75 22.66 35.93
C VAL B 253 -27.89 23.93 35.74
N PRO B 254 -27.18 24.37 36.80
CA PRO B 254 -26.32 25.57 36.69
C PRO B 254 -25.33 25.36 35.58
N VAL B 255 -24.82 24.14 35.48
CA VAL B 255 -23.85 23.82 34.45
C VAL B 255 -24.38 24.03 33.05
N VAL B 256 -25.56 23.50 32.79
CA VAL B 256 -26.23 23.64 31.50
C VAL B 256 -26.40 25.14 31.20
N HIS B 257 -26.93 25.89 32.16
CA HIS B 257 -27.10 27.32 31.95
C HIS B 257 -25.77 28.09 31.71
N LEU B 258 -24.74 27.74 32.46
CA LEU B 258 -23.47 28.40 32.29
C LEU B 258 -22.94 28.29 30.86
N TYR B 259 -22.91 27.08 30.29
CA TYR B 259 -22.37 26.97 28.96
C TYR B 259 -23.26 27.55 27.87
N THR B 260 -24.56 27.41 28.01
CA THR B 260 -25.45 27.93 26.99
C THR B 260 -25.38 29.45 26.98
N ASP B 261 -25.47 30.04 28.16
CA ASP B 261 -25.40 31.48 28.29
C ASP B 261 -24.07 32.05 27.85
N ASP B 262 -23.00 31.27 28.01
CA ASP B 262 -21.74 31.78 27.59
C ASP B 262 -21.67 31.91 26.07
N VAL B 263 -22.33 31.02 25.35
CA VAL B 263 -22.29 31.15 23.94
C VAL B 263 -23.16 32.29 23.51
N LEU B 264 -24.31 32.41 24.13
CA LEU B 264 -25.22 33.49 23.77
C LEU B 264 -24.68 34.87 24.09
N VAL B 265 -24.00 35.01 25.22
CA VAL B 265 -23.50 36.29 25.64
C VAL B 265 -22.12 36.68 25.26
N ARG B 266 -21.19 35.75 25.24
CA ARG B 266 -19.82 36.08 24.92
C ARG B 266 -19.47 35.79 23.51
N LEU B 267 -19.75 34.58 23.05
CA LEU B 267 -19.33 34.20 21.72
C LEU B 267 -20.13 34.64 20.53
N LEU B 268 -21.46 34.55 20.60
CA LEU B 268 -22.28 34.92 19.48
C LEU B 268 -22.07 36.35 19.01
N PRO B 269 -22.04 37.35 19.91
CA PRO B 269 -21.85 38.74 19.44
C PRO B 269 -20.60 38.95 18.61
N ARG B 270 -19.62 38.11 18.79
CA ARG B 270 -18.42 38.27 18.00
C ARG B 270 -18.66 38.03 16.53
N HIS B 271 -19.73 37.31 16.18
CA HIS B 271 -19.94 37.05 14.77
C HIS B 271 -21.23 37.63 14.17
N LEU B 272 -21.98 38.41 14.94
CA LEU B 272 -23.20 39.03 14.44
C LEU B 272 -23.00 40.52 14.45
N GLY B 273 -22.56 41.03 15.58
CA GLY B 273 -22.32 42.45 15.66
C GLY B 273 -23.45 43.22 16.32
N GLU B 274 -24.04 44.12 15.53
CA GLU B 274 -25.15 44.99 15.97
C GLU B 274 -26.51 44.28 16.13
N ALA B 275 -26.77 43.70 17.29
CA ALA B 275 -28.02 42.99 17.64
C ALA B 275 -28.44 41.84 16.70
N GLY B 276 -27.64 40.79 16.67
CA GLY B 276 -27.91 39.64 15.81
C GLY B 276 -29.15 38.78 16.06
N ALA B 277 -30.04 39.21 16.93
CA ALA B 277 -31.24 38.42 17.15
C ALA B 277 -31.92 38.44 15.77
N GLY B 278 -32.26 39.64 15.33
CA GLY B 278 -32.89 39.81 14.04
C GLY B 278 -34.13 40.69 14.15
N ALA B 279 -34.90 40.46 15.19
CA ALA B 279 -36.10 41.24 15.36
C ALA B 279 -35.83 42.63 15.95
N MET B 280 -35.26 43.55 15.16
CA MET B 280 -35.02 44.90 15.68
C MET B 280 -36.32 45.27 16.38
N ALA B 281 -36.28 45.48 17.71
CA ALA B 281 -37.46 45.79 18.49
C ALA B 281 -38.24 47.05 18.10
N THR B 282 -39.55 46.97 18.27
CA THR B 282 -40.43 48.10 17.98
C THR B 282 -41.32 48.46 19.18
N VAL B 283 -41.84 49.69 19.13
CA VAL B 283 -42.78 50.19 20.14
C VAL B 283 -43.96 50.57 19.29
N LYS B 284 -45.11 50.04 19.61
CA LYS B 284 -46.30 50.38 18.87
C LYS B 284 -47.11 51.30 19.76
N PHE B 285 -47.78 52.27 19.16
CA PHE B 285 -48.60 53.18 19.94
C PHE B 285 -49.52 53.97 19.03
N LYS B 286 -50.52 54.59 19.62
CA LYS B 286 -51.49 55.37 18.84
C LYS B 286 -51.31 56.83 19.17
N TYR B 287 -50.53 57.51 18.34
CA TYR B 287 -50.27 58.94 18.53
C TYR B 287 -51.07 59.76 17.56
N LYS B 288 -51.71 60.80 18.07
CA LYS B 288 -52.53 61.67 17.22
C LYS B 288 -53.48 60.83 16.38
N GLY B 289 -54.37 60.08 17.03
CA GLY B 289 -55.35 59.24 16.34
C GLY B 289 -54.81 58.19 15.38
N GLU B 290 -53.49 58.13 15.24
CA GLU B 290 -52.82 57.21 14.32
C GLU B 290 -52.41 55.85 14.84
N GLU B 291 -51.59 55.19 14.05
CA GLU B 291 -51.01 53.88 14.36
C GLU B 291 -49.54 54.14 14.11
N LYS B 292 -48.68 53.85 15.07
CA LYS B 292 -47.26 54.10 14.84
C LYS B 292 -46.44 52.97 15.42
N GLU B 293 -45.29 52.72 14.84
CA GLU B 293 -44.44 51.66 15.34
C GLU B 293 -43.07 52.29 15.21
N VAL B 294 -42.19 52.07 16.17
CA VAL B 294 -40.87 52.68 16.07
C VAL B 294 -39.74 51.74 16.50
N ASP B 295 -38.66 51.75 15.71
CA ASP B 295 -37.51 50.91 15.97
C ASP B 295 -36.80 51.46 17.20
N ILE B 296 -36.53 50.61 18.19
CA ILE B 296 -35.84 51.06 19.38
C ILE B 296 -34.61 51.89 19.01
N SER B 297 -34.09 51.65 17.81
CA SER B 297 -32.92 52.36 17.28
C SER B 297 -33.18 53.86 17.01
N LYS B 298 -34.45 54.24 16.90
CA LYS B 298 -34.75 55.63 16.66
C LYS B 298 -35.05 56.39 17.97
N ILE B 299 -35.39 55.66 19.04
CA ILE B 299 -35.71 56.25 20.33
C ILE B 299 -34.56 57.02 20.97
N LYS B 300 -34.83 58.30 21.27
CA LYS B 300 -33.87 59.21 21.87
C LYS B 300 -33.98 59.27 23.41
N LYS B 301 -34.92 60.04 23.93
CA LYS B 301 -35.08 60.14 25.38
C LYS B 301 -36.28 59.32 25.87
N VAL B 302 -36.17 58.78 27.08
CA VAL B 302 -37.25 57.98 27.66
C VAL B 302 -37.29 58.06 29.19
N TRP B 303 -38.44 58.45 29.72
CA TRP B 303 -38.62 58.59 31.16
C TRP B 303 -39.91 57.94 31.58
N ARG B 304 -40.08 57.79 32.90
CA ARG B 304 -41.26 57.15 33.49
C ARG B 304 -42.16 58.10 34.31
N VAL B 305 -43.48 57.96 34.15
CA VAL B 305 -44.52 58.74 34.87
C VAL B 305 -45.56 57.69 35.27
N GLY B 306 -45.44 57.19 36.49
CA GLY B 306 -46.35 56.15 36.96
C GLY B 306 -46.07 54.83 36.24
N LYS B 307 -47.11 54.23 35.65
CA LYS B 307 -46.92 52.98 34.91
C LYS B 307 -46.85 53.24 33.40
N MET B 308 -46.75 54.52 33.04
CA MET B 308 -46.64 54.95 31.63
C MET B 308 -45.16 55.22 31.31
N ILE B 309 -44.77 54.94 30.09
CA ILE B 309 -43.41 55.15 29.65
C ILE B 309 -43.57 56.21 28.56
N SER B 310 -42.92 57.34 28.77
CA SER B 310 -43.01 58.49 27.88
C SER B 310 -41.71 58.58 27.15
N PHE B 311 -41.76 58.96 25.87
CA PHE B 311 -40.54 59.01 25.05
C PHE B 311 -40.62 59.87 23.80
N THR B 312 -39.43 60.14 23.28
CA THR B 312 -39.23 60.93 22.06
C THR B 312 -38.35 60.09 21.13
N TYR B 313 -38.39 60.40 19.84
CA TYR B 313 -37.65 59.65 18.86
C TYR B 313 -37.53 60.45 17.58
N ASP B 314 -36.74 59.96 16.63
CA ASP B 314 -36.54 60.62 15.34
C ASP B 314 -37.45 60.14 14.18
N GLU B 315 -38.21 61.07 13.59
CA GLU B 315 -39.09 60.75 12.47
C GLU B 315 -38.43 60.92 11.08
N GLY B 316 -37.54 61.90 10.92
CA GLY B 316 -36.89 62.13 9.63
C GLY B 316 -36.32 63.53 9.48
N GLY B 317 -35.00 63.62 9.28
CA GLY B 317 -34.35 64.93 9.18
C GLY B 317 -34.20 65.40 10.62
N GLY B 318 -34.54 66.65 10.89
CA GLY B 318 -34.45 67.15 12.25
C GLY B 318 -35.66 66.67 13.06
N LYS B 319 -36.76 66.42 12.35
CA LYS B 319 -38.03 65.96 12.92
C LYS B 319 -37.94 65.11 14.21
N THR B 320 -38.70 65.51 15.23
CA THR B 320 -38.72 64.81 16.50
C THR B 320 -40.13 64.38 16.91
N GLY B 321 -40.34 63.07 16.93
CA GLY B 321 -41.64 62.53 17.31
C GLY B 321 -41.81 62.32 18.81
N ARG B 322 -43.06 62.11 19.21
CA ARG B 322 -43.41 61.91 20.60
C ARG B 322 -44.35 60.74 20.80
N GLY B 323 -44.31 60.18 22.01
CA GLY B 323 -45.15 59.03 22.32
C GLY B 323 -45.07 58.63 23.77
N ALA B 324 -46.10 57.90 24.20
CA ALA B 324 -46.22 57.42 25.56
C ALA B 324 -47.03 56.12 25.52
N VAL B 325 -46.54 55.09 26.19
CA VAL B 325 -47.23 53.80 26.22
C VAL B 325 -47.26 53.32 27.65
N SER B 326 -48.02 52.26 27.89
CA SER B 326 -48.07 51.65 29.20
C SER B 326 -46.80 50.79 29.28
N GLU B 327 -46.23 50.61 30.45
CA GLU B 327 -45.02 49.81 30.56
C GLU B 327 -45.25 48.33 30.24
N LYS B 328 -46.51 47.94 30.10
CA LYS B 328 -46.86 46.57 29.82
C LYS B 328 -47.01 46.35 28.32
N ASP B 329 -46.64 47.38 27.58
CA ASP B 329 -46.70 47.37 26.14
C ASP B 329 -45.39 47.94 25.71
N ALA B 330 -44.45 47.94 26.64
CA ALA B 330 -43.15 48.47 26.32
C ALA B 330 -42.21 47.30 26.15
N PRO B 331 -41.58 47.20 24.97
CA PRO B 331 -40.63 46.13 24.65
C PRO B 331 -39.50 46.12 25.66
N LYS B 332 -38.92 44.95 25.91
CA LYS B 332 -37.81 44.84 26.86
C LYS B 332 -36.77 45.95 26.68
N GLU B 333 -36.30 46.15 25.44
CA GLU B 333 -35.29 47.17 25.10
C GLU B 333 -35.58 48.61 25.55
N LEU B 334 -36.82 49.04 25.42
CA LEU B 334 -37.19 50.38 25.80
C LEU B 334 -37.06 50.50 27.30
N LEU B 335 -37.61 49.52 28.00
CA LEU B 335 -37.54 49.52 29.44
C LEU B 335 -36.09 49.46 29.91
N GLN B 336 -35.20 49.10 28.99
CA GLN B 336 -33.78 49.04 29.31
C GLN B 336 -33.14 50.42 29.17
N MET B 337 -33.56 51.16 28.15
CA MET B 337 -33.03 52.50 27.96
C MET B 337 -33.54 53.31 29.13
N LEU B 338 -34.73 52.95 29.59
CA LEU B 338 -35.34 53.62 30.75
C LEU B 338 -34.27 53.68 31.86
N GLU B 339 -34.02 52.52 32.48
CA GLU B 339 -33.01 52.36 33.55
C GLU B 339 -31.62 52.88 33.14
N LYS B 340 -31.20 52.56 31.91
CA LYS B 340 -29.91 53.02 31.44
C LYS B 340 -29.87 54.53 31.10
N GLN B 341 -30.94 55.28 31.41
CA GLN B 341 -30.97 56.75 31.14
C GLN B 341 -31.35 57.62 32.34
N ASP C 12 -17.17 -30.13 -6.94
CA ASP C 12 -16.82 -31.41 -7.65
C ASP C 12 -15.31 -31.71 -7.63
N ASP C 13 -14.96 -32.97 -7.36
CA ASP C 13 -13.56 -33.37 -7.22
C ASP C 13 -12.62 -33.42 -8.40
N LYS C 14 -13.01 -34.04 -9.52
CA LYS C 14 -12.07 -34.11 -10.68
C LYS C 14 -11.60 -32.71 -11.06
N MET C 15 -12.52 -31.77 -10.97
CA MET C 15 -12.20 -30.39 -11.24
C MET C 15 -11.20 -29.88 -10.18
N LEU C 16 -11.52 -30.02 -8.88
CA LEU C 16 -10.61 -29.56 -7.82
C LEU C 16 -9.26 -30.24 -7.94
N ALA C 17 -9.26 -31.43 -8.49
CA ALA C 17 -8.01 -32.11 -8.66
C ALA C 17 -7.23 -31.33 -9.71
N ALA C 18 -7.95 -30.91 -10.77
CA ALA C 18 -7.38 -30.16 -11.89
C ALA C 18 -6.77 -28.84 -11.37
N GLU C 19 -7.57 -28.13 -10.59
CA GLU C 19 -7.13 -26.87 -10.03
C GLU C 19 -5.90 -27.04 -9.10
N ALA C 20 -5.87 -28.12 -8.33
CA ALA C 20 -4.77 -28.31 -7.41
C ALA C 20 -3.53 -28.56 -8.24
N ALA C 21 -3.69 -29.25 -9.37
CA ALA C 21 -2.56 -29.58 -10.26
C ALA C 21 -2.01 -28.31 -10.90
N ASN C 22 -2.91 -27.48 -11.43
CA ASN C 22 -2.48 -26.26 -12.04
C ASN C 22 -1.78 -25.41 -11.00
N ARG C 23 -2.42 -25.21 -9.85
CA ARG C 23 -1.86 -24.41 -8.76
C ARG C 23 -0.48 -24.90 -8.41
N ASP C 24 -0.38 -26.20 -8.26
CA ASP C 24 0.91 -26.77 -7.93
C ASP C 24 1.96 -26.43 -9.01
N HIS C 25 1.57 -26.55 -10.29
CA HIS C 25 2.52 -26.28 -11.36
C HIS C 25 2.89 -24.80 -11.44
N VAL C 26 1.94 -23.92 -11.15
CA VAL C 26 2.21 -22.50 -11.23
C VAL C 26 3.09 -22.04 -10.06
N THR C 27 2.74 -22.44 -8.86
CA THR C 27 3.55 -22.05 -7.71
C THR C 27 4.94 -22.67 -7.74
N ARG C 28 5.11 -23.86 -8.28
CA ARG C 28 6.45 -24.40 -8.30
C ARG C 28 7.30 -23.53 -9.23
N CYS C 29 6.70 -23.15 -10.32
CA CYS C 29 7.36 -22.33 -11.31
C CYS C 29 7.77 -20.93 -10.76
N VAL C 30 6.93 -20.36 -9.89
CA VAL C 30 7.15 -19.07 -9.25
C VAL C 30 8.31 -19.17 -8.26
N ALA C 31 8.21 -20.13 -7.36
CA ALA C 31 9.25 -20.38 -6.36
C ALA C 31 10.59 -20.61 -7.07
N GLN C 32 10.55 -21.40 -8.12
CA GLN C 32 11.74 -21.68 -8.92
C GLN C 32 12.42 -20.38 -9.43
N THR C 33 11.66 -19.36 -9.82
CA THR C 33 12.30 -18.15 -10.27
C THR C 33 12.78 -17.21 -9.17
N GLY C 34 12.48 -17.53 -7.91
CA GLY C 34 12.91 -16.67 -6.83
C GLY C 34 11.76 -15.89 -6.20
N GLY C 35 10.52 -16.24 -6.54
CA GLY C 35 9.40 -15.54 -5.97
C GLY C 35 9.27 -15.66 -4.46
N SER C 36 8.76 -14.60 -3.83
CA SER C 36 8.59 -14.59 -2.39
C SER C 36 7.41 -15.44 -1.96
N PRO C 37 7.32 -15.75 -0.66
CA PRO C 37 6.22 -16.57 -0.16
C PRO C 37 4.94 -15.82 -0.41
N ASP C 38 4.99 -14.48 -0.38
CA ASP C 38 3.80 -13.66 -0.67
C ASP C 38 3.36 -13.83 -2.12
N LEU C 39 4.29 -13.74 -3.05
CA LEU C 39 3.94 -13.92 -4.44
C LEU C 39 3.37 -15.35 -4.64
N VAL C 40 4.02 -16.35 -4.01
CA VAL C 40 3.55 -17.71 -4.10
C VAL C 40 2.10 -17.75 -3.60
N ALA C 41 1.86 -17.28 -2.38
CA ALA C 41 0.50 -17.27 -1.85
C ALA C 41 -0.42 -16.56 -2.78
N HIS C 42 0.01 -15.40 -3.28
CA HIS C 42 -0.86 -14.62 -4.20
C HIS C 42 -1.21 -15.42 -5.46
N THR C 43 -0.21 -16.05 -6.06
CA THR C 43 -0.53 -16.83 -7.24
C THR C 43 -1.47 -18.00 -6.97
N ALA C 44 -1.34 -18.63 -5.79
CA ALA C 44 -2.18 -19.77 -5.40
C ALA C 44 -3.63 -19.43 -5.20
N ALA C 45 -3.85 -18.22 -4.73
CA ALA C 45 -5.16 -17.73 -4.43
C ALA C 45 -6.02 -17.45 -5.65
N LEU C 46 -5.41 -17.47 -6.83
CA LEU C 46 -6.12 -17.18 -8.08
C LEU C 46 -6.94 -18.39 -8.59
N ARG C 47 -7.84 -18.80 -7.70
CA ARG C 47 -8.79 -19.90 -7.81
C ARG C 47 -9.36 -20.13 -9.21
N LEU C 48 -10.13 -19.16 -9.66
CA LEU C 48 -10.79 -19.21 -10.95
C LEU C 48 -9.84 -19.24 -12.10
N TYR C 49 -8.71 -18.58 -11.95
CA TYR C 49 -7.73 -18.55 -13.03
C TYR C 49 -7.06 -19.89 -13.17
N LEU C 50 -6.97 -20.64 -12.08
CA LEU C 50 -6.33 -21.92 -12.10
C LEU C 50 -7.35 -22.95 -12.48
N ARG C 51 -8.60 -22.62 -12.23
CA ARG C 51 -9.69 -23.53 -12.52
C ARG C 51 -10.20 -23.49 -13.94
N VAL C 52 -10.38 -22.31 -14.51
CA VAL C 52 -10.96 -22.20 -15.85
C VAL C 52 -10.29 -23.01 -17.01
N PRO C 53 -9.00 -23.29 -16.89
CA PRO C 53 -8.48 -24.06 -17.99
C PRO C 53 -8.95 -25.50 -17.95
N HIS C 54 -9.50 -25.95 -16.82
CA HIS C 54 -10.05 -27.31 -16.76
C HIS C 54 -11.29 -27.27 -17.67
N PHE C 55 -12.10 -26.23 -17.49
CA PHE C 55 -13.27 -26.06 -18.33
C PHE C 55 -12.91 -25.92 -19.78
N LEU C 56 -11.90 -25.11 -20.08
CA LEU C 56 -11.48 -24.86 -21.47
C LEU C 56 -11.01 -26.11 -22.20
N THR C 57 -10.43 -27.04 -21.45
CA THR C 57 -9.92 -28.25 -22.03
C THR C 57 -10.84 -29.47 -22.02
N GLU C 58 -12.12 -29.28 -21.69
CA GLU C 58 -13.06 -30.39 -21.63
C GLU C 58 -13.18 -31.19 -22.92
N TRP C 59 -12.91 -30.58 -24.07
CA TRP C 59 -13.00 -31.30 -25.32
C TRP C 59 -11.79 -32.19 -25.60
N THR C 60 -10.77 -32.17 -24.75
CA THR C 60 -9.59 -33.00 -25.01
C THR C 60 -9.79 -34.38 -24.43
N THR C 61 -9.86 -35.38 -25.31
CA THR C 61 -10.10 -36.76 -24.89
C THR C 61 -9.01 -37.47 -24.13
N ASP C 62 -7.75 -37.37 -24.57
CA ASP C 62 -6.68 -38.06 -23.85
C ASP C 62 -6.45 -37.40 -22.49
N PRO C 63 -6.38 -38.17 -21.38
CA PRO C 63 -6.14 -37.53 -20.08
C PRO C 63 -4.81 -36.82 -19.84
N ASP C 64 -3.72 -37.33 -20.41
CA ASP C 64 -2.43 -36.65 -20.18
C ASP C 64 -2.25 -35.40 -21.03
N ARG C 65 -2.73 -35.45 -22.27
CA ARG C 65 -2.64 -34.26 -23.07
C ARG C 65 -3.47 -33.24 -22.28
N ARG C 66 -4.72 -33.57 -21.99
CA ARG C 66 -5.58 -32.68 -21.22
C ARG C 66 -4.88 -32.03 -20.06
N ALA C 67 -4.25 -32.81 -19.19
CA ALA C 67 -3.63 -32.21 -18.02
C ALA C 67 -2.53 -31.21 -18.37
N ALA C 68 -1.73 -31.54 -19.39
CA ALA C 68 -0.62 -30.69 -19.84
C ALA C 68 -1.14 -29.34 -20.42
N VAL C 69 -2.17 -29.39 -21.24
CA VAL C 69 -2.73 -28.18 -21.83
C VAL C 69 -3.35 -27.34 -20.73
N SER C 70 -3.97 -28.00 -19.78
CA SER C 70 -4.61 -27.30 -18.69
C SER C 70 -3.58 -26.53 -17.84
N ARG C 71 -2.48 -27.16 -17.47
CA ARG C 71 -1.55 -26.43 -16.66
C ARG C 71 -0.79 -25.36 -17.46
N ALA C 72 -0.57 -25.63 -18.74
CA ALA C 72 0.10 -24.69 -19.61
C ALA C 72 -0.75 -23.43 -19.69
N LEU C 73 -2.04 -23.58 -19.95
CA LEU C 73 -2.89 -22.41 -20.03
C LEU C 73 -2.88 -21.67 -18.71
N ALA C 74 -2.71 -22.39 -17.63
CA ALA C 74 -2.73 -21.76 -16.34
C ALA C 74 -1.50 -20.87 -16.12
N LEU C 75 -0.37 -21.30 -16.68
CA LEU C 75 0.86 -20.56 -16.59
C LEU C 75 0.64 -19.18 -17.23
N ASP C 76 0.03 -19.17 -18.41
CA ASP C 76 -0.18 -17.91 -19.09
C ASP C 76 -1.26 -16.99 -18.54
N ILE C 77 -2.41 -17.56 -18.19
CA ILE C 77 -3.50 -16.82 -17.60
C ILE C 77 -2.98 -16.19 -16.31
N VAL C 78 -2.23 -16.92 -15.50
CA VAL C 78 -1.72 -16.32 -14.26
C VAL C 78 -0.69 -15.19 -14.56
N SER C 79 0.13 -15.40 -15.59
CA SER C 79 1.11 -14.45 -15.98
C SER C 79 0.48 -13.10 -16.37
N MET C 80 -0.62 -13.17 -17.11
CA MET C 80 -1.36 -12.00 -17.57
C MET C 80 -2.02 -11.36 -16.35
N LYS C 81 -2.48 -12.18 -15.41
CA LYS C 81 -3.06 -11.70 -14.17
C LYS C 81 -1.98 -10.91 -13.37
N LEU C 82 -0.73 -11.34 -13.43
CA LEU C 82 0.36 -10.63 -12.76
C LEU C 82 0.67 -9.30 -13.47
N LEU C 83 0.64 -9.33 -14.80
CA LEU C 83 0.88 -8.16 -15.57
C LEU C 83 -0.22 -7.14 -15.22
N ASP C 84 -1.44 -7.63 -15.04
CA ASP C 84 -2.53 -6.74 -14.68
C ASP C 84 -2.32 -6.10 -13.31
N ASP C 85 -1.68 -6.84 -12.40
CA ASP C 85 -1.35 -6.38 -11.05
C ASP C 85 -0.34 -5.26 -11.08
N LEU C 86 0.55 -5.33 -12.06
CA LEU C 86 1.60 -4.37 -12.29
C LEU C 86 0.99 -3.06 -12.86
N MET C 87 -0.10 -3.16 -13.59
CA MET C 87 -0.72 -1.93 -14.08
C MET C 87 -1.37 -1.17 -12.92
N ASP C 88 -2.03 -1.93 -12.06
CA ASP C 88 -2.74 -1.35 -10.95
C ASP C 88 -1.82 -0.78 -9.85
N ASP C 89 -0.69 -1.46 -9.60
CA ASP C 89 0.32 -1.07 -8.58
C ASP C 89 -0.12 -1.01 -7.10
N ASP C 90 -1.14 -1.79 -6.75
CA ASP C 90 -1.67 -1.80 -5.40
C ASP C 90 -1.76 -3.21 -4.79
N THR C 91 -0.97 -4.16 -5.25
CA THR C 91 -1.10 -5.46 -4.66
C THR C 91 -0.27 -5.54 -3.42
N GLY C 92 0.68 -4.64 -3.27
CA GLY C 92 1.52 -4.74 -2.11
C GLY C 92 2.75 -5.57 -2.46
N LEU C 93 2.70 -6.32 -3.56
CA LEU C 93 3.85 -7.10 -3.94
C LEU C 93 4.90 -6.21 -4.62
N ASP C 94 6.13 -6.68 -4.58
CA ASP C 94 7.31 -6.02 -5.11
C ASP C 94 7.22 -6.05 -6.63
N ARG C 95 7.28 -4.87 -7.26
CA ARG C 95 7.16 -4.76 -8.69
C ARG C 95 8.22 -5.58 -9.39
N VAL C 96 9.41 -5.60 -8.83
CA VAL C 96 10.44 -6.35 -9.47
C VAL C 96 10.09 -7.85 -9.60
N GLU C 97 9.71 -8.52 -8.50
CA GLU C 97 9.42 -9.93 -8.70
C GLU C 97 8.14 -10.11 -9.52
N LEU C 98 7.17 -9.22 -9.34
CA LEU C 98 5.97 -9.31 -10.14
C LEU C 98 6.38 -9.32 -11.62
N ALA C 99 7.16 -8.34 -12.03
CA ALA C 99 7.51 -8.30 -13.42
C ALA C 99 8.35 -9.49 -13.86
N CYS C 100 9.33 -9.91 -13.06
CA CYS C 100 10.14 -11.03 -13.50
C CYS C 100 9.42 -12.36 -13.52
N VAL C 101 8.61 -12.62 -12.50
CA VAL C 101 7.86 -13.84 -12.45
C VAL C 101 6.82 -13.79 -13.58
N CYS C 102 6.33 -12.61 -13.93
CA CYS C 102 5.32 -12.53 -14.97
C CYS C 102 5.92 -13.03 -16.28
N LEU C 103 7.12 -12.54 -16.58
CA LEU C 103 7.74 -12.99 -17.81
C LEU C 103 8.13 -14.49 -17.78
N ARG C 104 8.72 -14.97 -16.69
CA ARG C 104 9.15 -16.36 -16.62
C ARG C 104 7.99 -17.30 -16.89
N LEU C 105 6.88 -17.06 -16.19
CA LEU C 105 5.70 -17.86 -16.34
C LEU C 105 5.27 -17.86 -17.80
N HIS C 106 5.12 -16.67 -18.37
CA HIS C 106 4.75 -16.53 -19.76
C HIS C 106 5.71 -17.29 -20.68
N LEU C 107 7.00 -17.07 -20.53
CA LEU C 107 7.91 -17.81 -21.40
C LEU C 107 7.67 -19.32 -21.21
N ARG C 108 7.36 -19.74 -19.98
CA ARG C 108 7.14 -21.15 -19.78
C ARG C 108 5.88 -21.57 -20.48
N ALA C 109 4.83 -20.77 -20.37
CA ALA C 109 3.61 -21.14 -21.08
C ALA C 109 3.83 -21.35 -22.59
N LEU C 110 4.54 -20.43 -23.25
CA LEU C 110 4.76 -20.54 -24.70
C LEU C 110 5.44 -21.82 -25.08
N HIS C 111 6.46 -22.17 -24.31
CA HIS C 111 7.18 -23.40 -24.54
C HIS C 111 6.24 -24.61 -24.40
N GLU C 112 5.54 -24.72 -23.27
CA GLU C 112 4.65 -25.84 -23.09
C GLU C 112 3.53 -25.87 -24.14
N LEU C 113 2.86 -24.74 -24.42
CA LEU C 113 1.78 -24.77 -25.41
C LEU C 113 2.32 -25.15 -26.77
N GLU C 114 3.50 -24.67 -27.12
CA GLU C 114 4.04 -24.98 -28.43
C GLU C 114 4.53 -26.38 -28.60
N SER C 115 4.75 -27.07 -27.48
CA SER C 115 5.23 -28.43 -27.55
C SER C 115 4.04 -29.41 -27.69
N LEU C 116 2.85 -28.90 -27.45
CA LEU C 116 1.62 -29.64 -27.53
C LEU C 116 0.83 -29.34 -28.81
N ALA C 117 1.06 -28.21 -29.45
CA ALA C 117 0.29 -27.87 -30.67
C ALA C 117 0.63 -28.73 -31.87
N ARG C 118 -0.40 -29.05 -32.65
CA ARG C 118 -0.19 -29.84 -33.87
C ARG C 118 0.81 -29.00 -34.65
N ASP C 119 0.51 -27.71 -34.79
CA ASP C 119 1.37 -26.76 -35.47
C ASP C 119 1.87 -25.76 -34.43
N PRO C 120 3.16 -25.69 -34.16
CA PRO C 120 3.53 -24.70 -33.15
C PRO C 120 3.12 -23.27 -33.51
N LYS C 121 3.13 -22.96 -34.81
CA LYS C 121 2.77 -21.66 -35.31
C LYS C 121 1.40 -21.20 -34.87
N ALA C 122 0.47 -22.13 -34.69
CA ALA C 122 -0.86 -21.71 -34.31
C ALA C 122 -0.85 -20.93 -33.02
N VAL C 123 0.11 -21.22 -32.13
CA VAL C 123 0.17 -20.49 -30.87
C VAL C 123 0.38 -18.99 -31.10
N THR C 124 1.47 -18.63 -31.77
CA THR C 124 1.72 -17.23 -32.01
C THR C 124 0.74 -16.64 -32.99
N ASP C 125 0.10 -17.46 -33.82
CA ASP C 125 -0.89 -16.94 -34.76
C ASP C 125 -2.08 -16.53 -33.91
N ILE C 126 -2.40 -17.34 -32.89
CA ILE C 126 -3.56 -17.04 -32.06
C ILE C 126 -3.30 -15.84 -31.16
N LEU C 127 -2.11 -15.78 -30.56
CA LEU C 127 -1.78 -14.69 -29.67
C LEU C 127 -1.72 -13.32 -30.37
N GLU C 128 -1.27 -13.30 -31.62
CA GLU C 128 -1.12 -12.07 -32.40
C GLU C 128 -2.36 -11.63 -33.11
N GLN C 129 -3.08 -12.56 -33.76
CA GLN C 129 -4.25 -12.20 -34.53
C GLN C 129 -5.14 -11.13 -33.89
N ASP C 130 -5.39 -11.18 -32.58
CA ASP C 130 -6.17 -10.09 -32.05
C ASP C 130 -5.48 -9.39 -30.91
N ALA C 131 -4.17 -9.45 -30.94
CA ALA C 131 -3.40 -8.77 -29.92
C ALA C 131 -3.74 -7.24 -29.77
N VAL C 132 -4.02 -6.54 -30.88
CA VAL C 132 -4.35 -5.11 -30.81
C VAL C 132 -5.74 -4.91 -30.16
N HIS C 133 -6.68 -5.77 -30.52
CA HIS C 133 -8.01 -5.70 -29.97
C HIS C 133 -7.94 -5.92 -28.44
N LEU C 134 -7.10 -6.84 -27.99
CA LEU C 134 -6.97 -7.09 -26.56
C LEU C 134 -6.16 -5.99 -25.81
N CYS C 135 -4.95 -5.72 -26.29
CA CYS C 135 -4.10 -4.73 -25.67
C CYS C 135 -4.63 -3.35 -25.71
N GLY C 136 -5.12 -2.94 -26.89
CA GLY C 136 -5.71 -1.62 -27.04
C GLY C 136 -7.00 -1.55 -26.23
N GLY C 137 -7.76 -2.64 -26.19
CA GLY C 137 -9.00 -2.62 -25.46
C GLY C 137 -8.80 -2.51 -23.97
N GLN C 138 -7.66 -2.92 -23.46
CA GLN C 138 -7.42 -2.86 -22.03
C GLN C 138 -7.15 -1.40 -21.64
N ILE C 139 -6.42 -0.70 -22.49
CA ILE C 139 -6.15 0.71 -22.22
C ILE C 139 -7.52 1.39 -22.18
N ARG C 140 -8.37 1.07 -23.16
CA ARG C 140 -9.71 1.67 -23.20
C ARG C 140 -10.53 1.26 -21.98
N THR C 141 -10.68 -0.02 -21.69
CA THR C 141 -11.47 -0.39 -20.52
C THR C 141 -10.92 0.14 -19.19
N LYS C 142 -9.62 0.03 -18.95
CA LYS C 142 -9.01 0.52 -17.71
C LYS C 142 -9.11 2.06 -17.62
N ARG C 143 -9.42 2.75 -18.70
CA ARG C 143 -9.43 4.19 -18.61
C ARG C 143 -10.70 4.99 -18.85
N SER C 144 -11.83 4.30 -18.95
CA SER C 144 -13.10 4.97 -19.15
C SER C 144 -14.08 4.32 -18.20
N ARG C 145 -15.26 4.91 -18.02
CA ARG C 145 -16.22 4.35 -17.08
C ARG C 145 -17.45 3.85 -17.81
N ALA C 146 -18.02 2.74 -17.41
CA ALA C 146 -19.25 2.29 -18.05
C ALA C 146 -20.40 3.01 -17.32
N THR C 147 -21.31 3.60 -18.09
CA THR C 147 -22.40 4.33 -17.46
C THR C 147 -23.77 3.67 -17.67
N ASN C 148 -23.85 2.71 -18.59
CA ASN C 148 -25.09 1.99 -18.81
C ASN C 148 -24.70 0.58 -19.20
N LEU C 149 -25.70 -0.27 -19.44
CA LEU C 149 -25.45 -1.66 -19.76
C LEU C 149 -24.77 -1.94 -21.08
N ARG C 150 -25.04 -1.11 -22.07
CA ARG C 150 -24.46 -1.32 -23.39
C ARG C 150 -22.96 -1.15 -23.29
N GLU C 151 -22.56 -0.12 -22.55
CA GLU C 151 -21.16 0.18 -22.31
C GLU C 151 -20.50 -0.86 -21.41
N TRP C 152 -21.26 -1.33 -20.42
CA TRP C 152 -20.73 -2.30 -19.46
C TRP C 152 -20.31 -3.52 -20.26
N ARG C 153 -21.22 -3.93 -21.13
CA ARG C 153 -21.06 -5.08 -21.99
C ARG C 153 -19.80 -4.91 -22.81
N ALA C 154 -19.60 -3.69 -23.29
CA ALA C 154 -18.43 -3.38 -24.09
C ALA C 154 -17.10 -3.61 -23.34
N HIS C 155 -16.99 -3.13 -22.11
CA HIS C 155 -15.76 -3.32 -21.35
C HIS C 155 -15.61 -4.79 -21.03
N ALA C 156 -16.69 -5.42 -20.58
CA ALA C 156 -16.65 -6.83 -20.22
C ALA C 156 -16.23 -7.68 -21.41
N SER C 157 -16.65 -7.24 -22.59
CA SER C 157 -16.31 -7.94 -23.80
C SER C 157 -14.84 -8.11 -24.07
N THR C 158 -14.03 -7.12 -23.67
CA THR C 158 -12.61 -7.23 -23.94
C THR C 158 -11.75 -7.84 -22.81
N TYR C 159 -11.73 -7.24 -21.63
CA TYR C 159 -10.89 -7.88 -20.62
C TYR C 159 -11.58 -9.17 -20.18
N GLY C 160 -12.73 -9.50 -20.73
CA GLY C 160 -13.40 -10.70 -20.29
C GLY C 160 -13.43 -11.70 -21.40
N SER C 161 -14.37 -11.49 -22.32
CA SER C 161 -14.56 -12.35 -23.46
C SER C 161 -13.36 -12.45 -24.41
N THR C 162 -12.65 -11.36 -24.70
CA THR C 162 -11.51 -11.49 -25.61
C THR C 162 -10.29 -12.20 -24.98
N PHE C 163 -10.00 -11.81 -23.74
CA PHE C 163 -8.92 -12.41 -23.01
C PHE C 163 -9.13 -13.93 -23.00
N LEU C 164 -10.28 -14.38 -22.49
CA LEU C 164 -10.50 -15.80 -22.37
C LEU C 164 -10.73 -16.49 -23.65
N GLY C 165 -11.34 -15.81 -24.62
CA GLY C 165 -11.57 -16.40 -25.91
C GLY C 165 -10.25 -16.88 -26.49
N ARG C 166 -9.20 -16.07 -26.31
CA ARG C 166 -7.90 -16.46 -26.82
C ARG C 166 -7.44 -17.78 -26.22
N TYR C 167 -7.72 -18.00 -24.93
CA TYR C 167 -7.30 -19.25 -24.36
C TYR C 167 -8.17 -20.42 -24.88
N GLY C 168 -9.41 -20.12 -25.25
CA GLY C 168 -10.25 -21.16 -25.80
C GLY C 168 -9.55 -21.61 -27.10
N ALA C 169 -9.22 -20.66 -27.99
CA ALA C 169 -8.57 -21.03 -29.23
C ALA C 169 -7.25 -21.82 -28.96
N LEU C 170 -6.46 -21.36 -28.00
CA LEU C 170 -5.24 -22.07 -27.69
C LEU C 170 -5.56 -23.49 -27.20
N ALA C 171 -6.62 -23.64 -26.39
CA ALA C 171 -7.02 -24.97 -25.91
C ALA C 171 -7.35 -25.92 -27.09
N ALA C 172 -8.09 -25.46 -28.11
CA ALA C 172 -8.43 -26.28 -29.28
C ALA C 172 -7.18 -26.55 -30.14
N ALA C 173 -6.31 -25.55 -30.25
CA ALA C 173 -5.13 -25.78 -31.07
C ALA C 173 -4.13 -26.70 -30.39
N CYS C 174 -4.26 -26.91 -29.08
CA CYS C 174 -3.31 -27.76 -28.36
C CYS C 174 -3.95 -29.01 -27.87
N GLY C 175 -5.28 -29.07 -28.00
CA GLY C 175 -6.04 -30.22 -27.55
C GLY C 175 -5.93 -31.36 -28.54
N GLY C 176 -5.81 -31.03 -29.82
CA GLY C 176 -5.70 -32.07 -30.84
C GLY C 176 -6.97 -32.85 -31.14
N GLU C 177 -6.84 -33.81 -32.02
CA GLU C 177 -7.95 -34.65 -32.43
C GLU C 177 -9.29 -33.92 -32.57
N GLY C 178 -9.33 -33.04 -33.58
CA GLY C 178 -10.51 -32.27 -33.90
C GLY C 178 -11.38 -31.88 -32.72
N GLN C 179 -11.27 -30.61 -32.36
CA GLN C 179 -12.09 -30.04 -31.31
C GLN C 179 -12.74 -28.94 -32.12
N PRO C 180 -13.98 -28.60 -31.81
CA PRO C 180 -14.58 -27.53 -32.61
C PRO C 180 -14.08 -26.14 -32.23
N ALA C 181 -12.93 -25.77 -32.81
CA ALA C 181 -12.28 -24.50 -32.54
C ALA C 181 -13.22 -23.35 -32.25
N ASP C 182 -14.12 -23.05 -33.19
CA ASP C 182 -15.05 -21.96 -32.99
C ASP C 182 -15.96 -22.13 -31.80
N SER C 183 -16.30 -23.36 -31.47
CA SER C 183 -17.17 -23.55 -30.33
C SER C 183 -16.45 -23.42 -28.97
N VAL C 184 -15.21 -23.92 -28.87
CA VAL C 184 -14.43 -23.81 -27.64
C VAL C 184 -14.28 -22.30 -27.35
N ARG C 185 -14.01 -21.53 -28.39
CA ARG C 185 -13.86 -20.11 -28.23
C ARG C 185 -15.21 -19.44 -27.82
N GLU C 186 -16.29 -19.83 -28.45
CA GLU C 186 -17.58 -19.27 -28.15
C GLU C 186 -17.92 -19.63 -26.75
N PHE C 187 -17.48 -20.77 -26.30
CA PHE C 187 -17.78 -21.16 -24.93
C PHE C 187 -17.06 -20.24 -23.99
N ALA C 188 -15.75 -20.17 -24.18
CA ALA C 188 -14.91 -19.33 -23.35
C ALA C 188 -15.41 -17.90 -23.31
N GLU C 189 -15.76 -17.36 -24.48
CA GLU C 189 -16.24 -16.00 -24.53
C GLU C 189 -17.50 -15.75 -23.73
N ALA C 190 -18.53 -16.57 -23.93
CA ALA C 190 -19.77 -16.35 -23.19
C ALA C 190 -19.55 -16.56 -21.71
N PHE C 191 -18.86 -17.64 -21.37
CA PHE C 191 -18.60 -17.97 -20.01
C PHE C 191 -17.91 -16.86 -19.25
N ALA C 192 -16.94 -16.22 -19.88
CA ALA C 192 -16.17 -15.16 -19.25
C ALA C 192 -17.02 -14.00 -18.79
N MET C 193 -17.92 -13.58 -19.66
CA MET C 193 -18.80 -12.47 -19.33
C MET C 193 -19.71 -12.81 -18.16
N THR C 194 -20.11 -14.09 -18.05
CA THR C 194 -20.95 -14.50 -16.95
C THR C 194 -20.14 -14.29 -15.69
N ILE C 195 -18.93 -14.86 -15.67
CA ILE C 195 -17.97 -14.67 -14.55
C ILE C 195 -17.83 -13.17 -14.18
N THR C 196 -17.61 -12.36 -15.18
CA THR C 196 -17.48 -10.93 -15.00
C THR C 196 -18.68 -10.37 -14.25
N MET C 197 -19.92 -10.66 -14.67
CA MET C 197 -21.07 -10.10 -13.97
C MET C 197 -21.10 -10.59 -12.53
N ALA C 198 -20.66 -11.83 -12.33
CA ALA C 198 -20.63 -12.43 -11.02
C ALA C 198 -19.72 -11.58 -10.13
N ASP C 199 -18.50 -11.40 -10.65
CA ASP C 199 -17.43 -10.58 -10.09
C ASP C 199 -17.98 -9.22 -9.61
N ASP C 200 -18.58 -8.48 -10.54
CA ASP C 200 -19.14 -7.20 -10.20
C ASP C 200 -20.20 -7.29 -9.08
N LEU C 201 -21.18 -8.18 -9.21
CA LEU C 201 -22.21 -8.26 -8.19
C LEU C 201 -21.63 -8.58 -6.82
N THR C 202 -20.55 -9.34 -6.86
CA THR C 202 -19.86 -9.72 -5.66
C THR C 202 -19.07 -8.55 -5.06
N ASP C 203 -18.23 -7.92 -5.87
CA ASP C 203 -17.39 -6.84 -5.41
C ASP C 203 -18.14 -5.65 -4.91
N TYR C 204 -19.34 -5.42 -5.40
CA TYR C 204 -20.08 -4.27 -4.92
C TYR C 204 -20.04 -4.28 -3.40
N ASP C 205 -20.35 -5.44 -2.82
CA ASP C 205 -20.38 -5.62 -1.35
C ASP C 205 -19.02 -6.05 -0.74
N ARG C 206 -18.19 -6.73 -1.51
CA ARG C 206 -16.97 -7.10 -0.93
C ARG C 206 -15.90 -5.97 -0.84
N ASN C 207 -15.83 -5.06 -1.83
CA ASN C 207 -14.83 -3.96 -1.83
C ASN C 207 -15.48 -2.63 -1.90
N GLY C 208 -16.80 -2.57 -1.82
CA GLY C 208 -17.44 -1.29 -1.94
C GLY C 208 -17.28 -0.68 -3.32
N GLU C 209 -17.04 -1.50 -4.34
CA GLU C 209 -16.84 -1.02 -5.72
C GLU C 209 -18.06 -0.27 -6.23
N ARG C 210 -17.84 0.85 -6.92
CA ARG C 210 -18.95 1.65 -7.42
C ARG C 210 -18.87 2.12 -8.86
N ASP C 211 -17.75 2.73 -9.24
CA ASP C 211 -17.62 3.25 -10.61
C ASP C 211 -17.58 2.20 -11.69
N GLY C 212 -18.53 2.27 -12.61
CA GLY C 212 -18.58 1.30 -13.69
C GLY C 212 -18.98 -0.08 -13.21
N ASN C 213 -19.37 -0.20 -11.95
CA ASN C 213 -19.77 -1.50 -11.39
C ASN C 213 -21.22 -1.81 -11.70
N LEU C 214 -21.45 -2.98 -12.26
CA LEU C 214 -22.80 -3.37 -12.63
C LEU C 214 -23.93 -3.25 -11.58
N ALA C 215 -23.65 -3.61 -10.31
CA ALA C 215 -24.63 -3.57 -9.22
C ALA C 215 -24.99 -2.11 -8.95
N HIS C 216 -23.95 -1.31 -9.04
CA HIS C 216 -24.06 0.10 -8.82
C HIS C 216 -24.90 0.74 -9.93
N LEU C 217 -24.68 0.32 -11.18
CA LEU C 217 -25.43 0.87 -12.32
C LEU C 217 -26.87 0.42 -12.19
N MET C 218 -27.07 -0.72 -11.55
CA MET C 218 -28.42 -1.19 -11.34
C MET C 218 -29.08 -0.32 -10.26
N ARG C 219 -28.47 -0.25 -9.08
CA ARG C 219 -29.05 0.55 -8.02
C ARG C 219 -29.37 2.00 -8.38
N THR C 220 -28.66 2.58 -9.33
CA THR C 220 -28.98 3.95 -9.69
C THR C 220 -30.08 4.02 -10.74
N GLY C 221 -30.48 2.88 -11.28
CA GLY C 221 -31.49 2.91 -12.31
C GLY C 221 -30.91 3.09 -13.69
N ALA C 222 -29.58 3.00 -13.77
CA ALA C 222 -28.91 3.15 -15.06
C ALA C 222 -28.97 1.81 -15.84
N VAL C 223 -29.11 0.71 -15.12
CA VAL C 223 -29.21 -0.58 -15.76
C VAL C 223 -30.44 -1.15 -15.12
N ALA C 224 -31.33 -1.70 -15.94
CA ALA C 224 -32.57 -2.25 -15.42
C ALA C 224 -32.37 -3.69 -15.04
N GLY C 225 -32.96 -4.09 -13.92
CA GLY C 225 -32.83 -5.46 -13.45
C GLY C 225 -33.03 -6.48 -14.55
N GLN C 226 -34.21 -6.42 -15.16
CA GLN C 226 -34.59 -7.35 -16.22
C GLN C 226 -33.54 -7.50 -17.33
N ASP C 227 -32.97 -6.40 -17.83
CA ASP C 227 -31.95 -6.50 -18.87
C ASP C 227 -30.84 -7.41 -18.34
N VAL C 228 -30.44 -7.20 -17.09
CA VAL C 228 -29.38 -7.98 -16.54
C VAL C 228 -29.76 -9.46 -16.58
N VAL C 229 -30.98 -9.80 -16.17
CA VAL C 229 -31.38 -11.21 -16.20
C VAL C 229 -31.38 -11.74 -17.64
N ASP C 230 -31.80 -10.89 -18.58
CA ASP C 230 -31.81 -11.32 -19.97
C ASP C 230 -30.40 -11.61 -20.44
N LEU C 231 -29.49 -10.67 -20.19
CA LEU C 231 -28.11 -10.87 -20.61
C LEU C 231 -27.59 -12.16 -20.03
N LEU C 232 -27.96 -12.45 -18.79
CA LEU C 232 -27.53 -13.70 -18.17
C LEU C 232 -28.06 -14.94 -18.91
N GLU C 233 -29.34 -15.00 -19.22
CA GLU C 233 -29.84 -16.17 -19.90
C GLU C 233 -29.28 -16.19 -21.33
N GLU C 234 -29.09 -15.01 -21.92
CA GLU C 234 -28.47 -14.97 -23.26
C GLU C 234 -27.07 -15.63 -23.25
N LEU C 235 -26.30 -15.30 -22.22
CA LEU C 235 -24.96 -15.85 -22.10
C LEU C 235 -25.03 -17.34 -21.84
N ARG C 236 -25.98 -17.76 -21.03
CA ARG C 236 -26.15 -19.17 -20.70
C ARG C 236 -26.44 -19.88 -22.00
N GLY C 237 -27.37 -19.34 -22.77
CA GLY C 237 -27.70 -19.94 -24.06
C GLY C 237 -26.53 -20.05 -25.03
N ARG C 238 -25.74 -18.97 -25.13
CA ARG C 238 -24.56 -18.97 -26.01
C ARG C 238 -23.62 -20.08 -25.52
N ALA C 239 -23.36 -20.15 -24.21
CA ALA C 239 -22.47 -21.19 -23.67
C ALA C 239 -23.03 -22.59 -23.95
N LEU C 240 -24.31 -22.79 -23.63
CA LEU C 240 -24.93 -24.08 -23.88
C LEU C 240 -24.88 -24.51 -25.37
N ALA C 241 -25.27 -23.64 -26.30
CA ALA C 241 -25.21 -23.98 -27.73
C ALA C 241 -23.80 -24.36 -28.14
N ALA C 242 -22.84 -23.65 -27.56
CA ALA C 242 -21.44 -23.87 -27.83
C ALA C 242 -20.92 -25.25 -27.51
N VAL C 243 -21.28 -25.76 -26.33
CA VAL C 243 -20.81 -27.09 -25.89
C VAL C 243 -21.65 -28.25 -26.44
N ALA C 244 -22.64 -27.90 -27.27
CA ALA C 244 -23.52 -28.86 -27.92
C ALA C 244 -22.99 -29.15 -29.32
N ALA C 245 -22.41 -28.14 -29.97
CA ALA C 245 -21.84 -28.29 -31.30
C ALA C 245 -20.97 -29.54 -31.33
N PRO C 246 -21.24 -30.44 -32.29
CA PRO C 246 -20.52 -31.70 -32.44
C PRO C 246 -19.06 -31.37 -32.47
N PRO C 247 -18.22 -32.19 -31.83
CA PRO C 247 -18.50 -33.40 -31.07
C PRO C 247 -19.24 -33.18 -29.78
N GLY C 248 -19.25 -31.96 -29.27
CA GLY C 248 -19.93 -31.67 -28.01
C GLY C 248 -19.05 -31.89 -26.78
N ALA C 249 -19.34 -31.16 -25.71
CA ALA C 249 -18.61 -31.22 -24.44
C ALA C 249 -19.70 -31.18 -23.39
N PRO C 250 -20.45 -32.28 -23.32
CA PRO C 250 -21.59 -32.54 -22.42
C PRO C 250 -21.24 -32.22 -20.98
N GLY C 251 -20.01 -32.53 -20.60
CA GLY C 251 -19.56 -32.29 -19.23
C GLY C 251 -19.64 -30.84 -18.81
N LEU C 252 -19.63 -29.93 -19.78
CA LEU C 252 -19.71 -28.53 -19.45
C LEU C 252 -21.09 -28.01 -19.12
N VAL C 253 -22.15 -28.79 -19.39
CA VAL C 253 -23.52 -28.34 -19.12
C VAL C 253 -23.77 -28.01 -17.66
N PRO C 254 -23.47 -28.94 -16.74
CA PRO C 254 -23.66 -28.67 -15.31
C PRO C 254 -22.83 -27.46 -14.84
N VAL C 255 -21.59 -27.36 -15.36
CA VAL C 255 -20.70 -26.25 -15.03
C VAL C 255 -21.37 -24.93 -15.45
N VAL C 256 -21.82 -24.85 -16.69
CA VAL C 256 -22.48 -23.65 -17.18
C VAL C 256 -23.68 -23.36 -16.29
N HIS C 257 -24.45 -24.40 -15.96
CA HIS C 257 -25.60 -24.17 -15.12
C HIS C 257 -25.16 -23.79 -13.75
N LEU C 258 -24.10 -24.38 -13.24
CA LEU C 258 -23.67 -24.00 -11.89
C LEU C 258 -23.34 -22.49 -11.72
N TYR C 259 -22.51 -21.95 -12.60
CA TYR C 259 -22.15 -20.55 -12.47
C TYR C 259 -23.31 -19.61 -12.78
N THR C 260 -24.16 -19.96 -13.75
CA THR C 260 -25.25 -19.06 -14.03
C THR C 260 -26.23 -19.03 -12.85
N ASP C 261 -26.57 -20.21 -12.36
CA ASP C 261 -27.51 -20.34 -11.27
C ASP C 261 -27.06 -19.62 -10.05
N ASP C 262 -25.75 -19.66 -9.82
CA ASP C 262 -25.16 -19.02 -8.67
C ASP C 262 -25.35 -17.49 -8.72
N VAL C 263 -25.32 -16.89 -9.91
CA VAL C 263 -25.52 -15.45 -10.02
C VAL C 263 -27.02 -15.25 -9.85
N LEU C 264 -27.79 -16.11 -10.50
CA LEU C 264 -29.22 -15.94 -10.42
C LEU C 264 -29.77 -16.00 -9.01
N VAL C 265 -29.33 -17.00 -8.27
CA VAL C 265 -29.87 -17.17 -6.94
C VAL C 265 -29.18 -16.47 -5.79
N ARG C 266 -27.86 -16.41 -5.75
CA ARG C 266 -27.19 -15.76 -4.61
C ARG C 266 -26.70 -14.32 -4.80
N LEU C 267 -26.26 -13.98 -6.01
CA LEU C 267 -25.75 -12.64 -6.22
C LEU C 267 -26.78 -11.63 -6.66
N LEU C 268 -27.42 -11.85 -7.79
CA LEU C 268 -28.40 -10.92 -8.31
C LEU C 268 -29.56 -10.46 -7.41
N PRO C 269 -30.18 -11.40 -6.67
CA PRO C 269 -31.31 -11.02 -5.80
C PRO C 269 -30.97 -9.81 -4.90
N ARG C 270 -29.83 -9.82 -4.24
CA ARG C 270 -29.47 -8.67 -3.40
C ARG C 270 -29.81 -7.32 -4.06
N HIS C 271 -29.39 -7.13 -5.30
CA HIS C 271 -29.54 -5.85 -6.01
C HIS C 271 -30.77 -5.68 -6.86
N LEU C 272 -31.74 -6.57 -6.70
CA LEU C 272 -32.97 -6.45 -7.49
C LEU C 272 -34.10 -5.85 -6.65
N ASP D 11 27.80 2.90 -44.81
CA ASP D 11 28.29 1.83 -43.88
C ASP D 11 27.81 2.08 -42.44
N ASP D 12 28.08 3.29 -41.96
CA ASP D 12 27.57 3.67 -40.66
C ASP D 12 26.28 4.31 -41.11
N ASP D 13 26.19 4.44 -42.43
CA ASP D 13 25.03 4.98 -43.08
C ASP D 13 24.02 3.85 -42.99
N LYS D 14 24.48 2.67 -43.39
CA LYS D 14 23.68 1.48 -43.40
C LYS D 14 23.15 1.19 -42.01
N MET D 15 23.98 1.39 -41.01
CA MET D 15 23.57 1.14 -39.65
C MET D 15 22.44 2.10 -39.26
N LEU D 16 22.62 3.38 -39.54
CA LEU D 16 21.63 4.36 -39.20
C LEU D 16 20.32 4.13 -39.94
N ALA D 17 20.42 3.64 -41.15
CA ALA D 17 19.18 3.42 -41.85
C ALA D 17 18.45 2.25 -41.15
N ALA D 18 19.21 1.24 -40.73
CA ALA D 18 18.65 0.09 -40.09
C ALA D 18 18.07 0.57 -38.78
N GLU D 19 18.80 1.40 -38.04
CA GLU D 19 18.25 1.93 -36.79
C GLU D 19 16.89 2.63 -37.05
N ALA D 20 16.85 3.48 -38.06
CA ALA D 20 15.64 4.20 -38.36
C ALA D 20 14.53 3.25 -38.77
N ALA D 21 14.84 2.26 -39.58
CA ALA D 21 13.80 1.32 -39.98
C ALA D 21 13.24 0.60 -38.74
N ASN D 22 14.08 0.30 -37.76
CA ASN D 22 13.56 -0.39 -36.61
C ASN D 22 12.70 0.53 -35.78
N ARG D 23 13.14 1.77 -35.67
CA ARG D 23 12.39 2.80 -34.94
C ARG D 23 11.00 2.93 -35.53
N ASP D 24 10.94 3.04 -36.86
CA ASP D 24 9.68 3.20 -37.52
C ASP D 24 8.75 2.03 -37.29
N HIS D 25 9.29 0.82 -37.31
CA HIS D 25 8.45 -0.32 -37.14
C HIS D 25 7.98 -0.30 -35.69
N VAL D 26 8.85 0.01 -34.74
CA VAL D 26 8.41 -0.03 -33.38
C VAL D 26 7.41 1.05 -33.04
N THR D 27 7.68 2.29 -33.42
CA THR D 27 6.77 3.36 -33.05
C THR D 27 5.45 3.21 -33.75
N ARG D 28 5.43 2.79 -35.00
CA ARG D 28 4.16 2.59 -35.71
C ARG D 28 3.31 1.61 -34.93
N CYS D 29 3.94 0.56 -34.48
CA CYS D 29 3.34 -0.48 -33.70
C CYS D 29 2.79 0.04 -32.35
N VAL D 30 3.55 0.89 -31.67
CA VAL D 30 3.10 1.46 -30.40
C VAL D 30 1.83 2.26 -30.64
N ALA D 31 1.88 3.17 -31.62
CA ALA D 31 0.78 4.08 -31.99
C ALA D 31 -0.47 3.27 -32.30
N GLN D 32 -0.30 2.33 -33.20
CA GLN D 32 -1.40 1.51 -33.58
C GLN D 32 -2.06 0.75 -32.42
N THR D 33 -1.44 0.59 -31.26
CA THR D 33 -2.13 -0.12 -30.20
C THR D 33 -2.82 0.83 -29.29
N GLY D 34 -2.68 2.13 -29.53
CA GLY D 34 -3.28 3.11 -28.65
C GLY D 34 -2.29 3.86 -27.74
N GLY D 35 -0.99 3.82 -28.04
CA GLY D 35 -0.03 4.51 -27.21
C GLY D 35 0.00 6.02 -27.43
N SER D 36 0.23 6.73 -26.34
CA SER D 36 0.31 8.17 -26.35
C SER D 36 1.52 8.69 -27.10
N PRO D 37 1.47 9.95 -27.54
CA PRO D 37 2.61 10.54 -28.26
C PRO D 37 3.79 10.38 -27.30
N ASP D 38 3.51 10.48 -26.01
CA ASP D 38 4.53 10.38 -25.00
C ASP D 38 5.24 8.99 -24.93
N LEU D 39 4.48 7.90 -25.09
CA LEU D 39 5.06 6.57 -25.09
C LEU D 39 5.81 6.39 -26.43
N VAL D 40 5.25 6.99 -27.48
CA VAL D 40 5.89 6.92 -28.80
C VAL D 40 7.29 7.57 -28.69
N ALA D 41 7.34 8.77 -28.17
CA ALA D 41 8.62 9.46 -27.99
C ALA D 41 9.58 8.60 -27.14
N HIS D 42 9.11 8.12 -26.00
CA HIS D 42 9.97 7.31 -25.14
C HIS D 42 10.58 6.11 -25.91
N THR D 43 9.75 5.30 -26.57
CA THR D 43 10.29 4.17 -27.27
C THR D 43 11.24 4.60 -28.42
N ALA D 44 11.02 5.77 -29.00
CA ALA D 44 11.79 6.24 -30.12
C ALA D 44 13.19 6.68 -29.75
N ALA D 45 13.33 7.01 -28.49
CA ALA D 45 14.55 7.45 -27.93
C ALA D 45 15.51 6.31 -27.55
N LEU D 46 15.04 5.05 -27.56
CA LEU D 46 15.89 3.90 -27.18
C LEU D 46 16.89 3.57 -28.31
N ARG D 47 17.86 4.45 -28.53
CA ARG D 47 18.82 4.27 -29.61
C ARG D 47 19.52 2.96 -29.60
N LEU D 48 20.29 2.67 -28.55
CA LEU D 48 21.02 1.42 -28.54
C LEU D 48 20.10 0.22 -28.68
N TYR D 49 18.91 0.32 -28.13
CA TYR D 49 18.03 -0.80 -28.27
C TYR D 49 17.55 -1.02 -29.69
N LEU D 50 17.33 0.05 -30.43
CA LEU D 50 16.92 -0.09 -31.81
C LEU D 50 18.09 -0.35 -32.76
N ARG D 51 19.31 -0.08 -32.30
CA ARG D 51 20.49 -0.22 -33.12
C ARG D 51 21.21 -1.56 -33.04
N VAL D 52 21.32 -2.06 -31.82
CA VAL D 52 21.98 -3.33 -31.55
C VAL D 52 21.51 -4.52 -32.45
N PRO D 53 20.24 -4.56 -32.89
CA PRO D 53 19.87 -5.68 -33.73
C PRO D 53 20.61 -5.71 -35.04
N HIS D 54 21.06 -4.53 -35.49
CA HIS D 54 21.79 -4.44 -36.74
C HIS D 54 23.07 -5.26 -36.62
N PHE D 55 23.73 -5.15 -35.47
CA PHE D 55 24.94 -5.90 -35.22
C PHE D 55 24.67 -7.37 -35.12
N LEU D 56 23.60 -7.74 -34.42
CA LEU D 56 23.24 -9.12 -34.23
C LEU D 56 22.90 -9.82 -35.53
N THR D 57 22.41 -9.05 -36.50
CA THR D 57 22.04 -9.64 -37.77
C THR D 57 23.11 -9.58 -38.83
N GLU D 58 24.30 -9.15 -38.47
CA GLU D 58 25.40 -9.03 -39.42
C GLU D 58 25.75 -10.27 -40.28
N TRP D 59 25.41 -11.47 -39.84
CA TRP D 59 25.74 -12.66 -40.62
C TRP D 59 24.66 -13.00 -41.66
N THR D 60 23.56 -12.28 -41.65
CA THR D 60 22.48 -12.59 -42.58
C THR D 60 22.80 -12.16 -43.99
N THR D 61 22.92 -13.11 -44.91
CA THR D 61 23.29 -12.73 -46.26
C THR D 61 22.24 -11.93 -47.01
N ASP D 62 21.00 -12.40 -46.96
CA ASP D 62 19.91 -11.72 -47.64
C ASP D 62 19.41 -10.40 -47.01
N PRO D 63 19.56 -9.29 -47.73
CA PRO D 63 19.09 -8.04 -47.12
C PRO D 63 17.62 -8.02 -46.68
N ASP D 64 16.71 -8.70 -47.40
CA ASP D 64 15.32 -8.66 -46.98
C ASP D 64 15.08 -9.42 -45.70
N ARG D 65 15.65 -10.61 -45.58
CA ARG D 65 15.47 -11.34 -44.36
C ARG D 65 16.27 -10.57 -43.30
N ARG D 66 17.38 -9.91 -43.66
CA ARG D 66 18.08 -9.18 -42.61
C ARG D 66 17.21 -8.02 -42.02
N ALA D 67 16.52 -7.26 -42.87
CA ALA D 67 15.71 -6.15 -42.40
C ALA D 67 14.60 -6.62 -41.46
N ALA D 68 13.91 -7.66 -41.91
CA ALA D 68 12.81 -8.29 -41.20
C ALA D 68 13.20 -8.82 -39.80
N VAL D 69 14.30 -9.58 -39.70
CA VAL D 69 14.74 -10.12 -38.42
C VAL D 69 15.17 -8.98 -37.52
N SER D 70 15.81 -7.99 -38.11
CA SER D 70 16.30 -6.87 -37.36
C SER D 70 15.20 -6.08 -36.67
N ARG D 71 14.10 -5.82 -37.37
CA ARG D 71 13.07 -5.07 -36.68
C ARG D 71 12.26 -5.92 -35.68
N ALA D 72 12.16 -7.21 -35.96
CA ALA D 72 11.42 -8.14 -35.12
C ALA D 72 12.16 -8.18 -33.81
N LEU D 73 13.48 -8.23 -33.91
CA LEU D 73 14.26 -8.27 -32.68
C LEU D 73 14.10 -6.96 -31.96
N ALA D 74 13.97 -5.83 -32.67
CA ALA D 74 13.85 -4.56 -31.98
C ALA D 74 12.52 -4.48 -31.27
N LEU D 75 11.49 -5.10 -31.85
CA LEU D 75 10.20 -5.09 -31.18
C LEU D 75 10.31 -5.78 -29.76
N ASP D 76 11.04 -6.90 -29.66
CA ASP D 76 11.11 -7.57 -28.39
C ASP D 76 11.98 -6.90 -27.39
N ILE D 77 13.16 -6.49 -27.86
CA ILE D 77 14.15 -5.79 -27.03
C ILE D 77 13.47 -4.57 -26.45
N VAL D 78 12.84 -3.78 -27.29
CA VAL D 78 12.15 -2.59 -26.77
C VAL D 78 11.04 -3.00 -25.75
N SER D 79 10.34 -4.07 -26.08
CA SER D 79 9.27 -4.62 -25.27
C SER D 79 9.75 -4.88 -23.86
N MET D 80 10.90 -5.53 -23.77
CA MET D 80 11.51 -5.87 -22.52
C MET D 80 12.00 -4.64 -21.79
N LYS D 81 12.40 -3.61 -22.52
CA LYS D 81 12.83 -2.41 -21.86
C LYS D 81 11.62 -1.80 -21.17
N LEU D 82 10.45 -1.90 -21.79
CA LEU D 82 9.24 -1.38 -21.19
C LEU D 82 8.84 -2.20 -19.97
N LEU D 83 9.14 -3.50 -20.02
CA LEU D 83 8.80 -4.34 -18.89
C LEU D 83 9.65 -3.85 -17.72
N ASP D 84 10.87 -3.46 -18.04
CA ASP D 84 11.78 -2.97 -17.04
C ASP D 84 11.30 -1.60 -16.59
N ASP D 85 10.73 -0.81 -17.51
CA ASP D 85 10.28 0.53 -17.11
C ASP D 85 9.18 0.39 -16.09
N LEU D 86 8.36 -0.63 -16.30
CA LEU D 86 7.25 -0.95 -15.44
C LEU D 86 7.75 -1.44 -14.07
N MET D 87 8.89 -2.09 -13.98
CA MET D 87 9.25 -2.46 -12.63
C MET D 87 9.82 -1.31 -11.87
N ASP D 88 10.52 -0.43 -12.54
CA ASP D 88 11.06 0.69 -11.82
C ASP D 88 9.98 1.76 -11.53
N ASP D 89 8.90 1.76 -12.30
CA ASP D 89 7.82 2.73 -12.12
C ASP D 89 8.28 4.18 -11.86
N ASP D 90 9.18 4.67 -12.70
CA ASP D 90 9.74 6.01 -12.55
C ASP D 90 9.86 6.74 -13.89
N THR D 91 9.06 6.35 -14.88
CA THR D 91 9.17 6.99 -16.19
C THR D 91 8.18 8.09 -16.43
N GLY D 92 7.18 8.21 -15.58
CA GLY D 92 6.21 9.24 -15.75
C GLY D 92 5.11 8.76 -16.64
N LEU D 93 5.31 7.66 -17.36
CA LEU D 93 4.26 7.15 -18.23
C LEU D 93 3.21 6.40 -17.41
N ASP D 94 1.98 6.40 -17.89
CA ASP D 94 0.82 5.69 -17.27
C ASP D 94 1.12 4.17 -17.37
N ARG D 95 1.01 3.45 -16.25
CA ARG D 95 1.33 2.02 -16.21
C ARG D 95 0.48 1.12 -17.13
N VAL D 96 -0.79 1.52 -17.33
CA VAL D 96 -1.67 0.76 -18.17
C VAL D 96 -1.21 0.81 -19.64
N GLU D 97 -0.83 1.97 -20.17
CA GLU D 97 -0.39 1.90 -21.56
C GLU D 97 0.99 1.22 -21.62
N LEU D 98 1.80 1.41 -20.60
CA LEU D 98 3.13 0.79 -20.58
C LEU D 98 2.98 -0.75 -20.66
N ALA D 99 2.28 -1.33 -19.70
CA ALA D 99 2.04 -2.77 -19.71
C ALA D 99 1.42 -3.31 -21.05
N CYS D 100 0.32 -2.69 -21.49
CA CYS D 100 -0.36 -3.16 -22.70
C CYS D 100 0.46 -3.01 -23.99
N VAL D 101 1.29 -1.97 -24.10
CA VAL D 101 2.09 -1.85 -25.30
C VAL D 101 3.23 -2.82 -25.18
N CYS D 102 3.68 -2.98 -23.95
CA CYS D 102 4.75 -3.91 -23.66
C CYS D 102 4.33 -5.27 -24.22
N LEU D 103 3.14 -5.74 -23.85
CA LEU D 103 2.66 -7.01 -24.32
C LEU D 103 2.39 -7.02 -25.85
N ARG D 104 1.77 -5.97 -26.37
CA ARG D 104 1.45 -5.99 -27.78
C ARG D 104 2.72 -6.15 -28.65
N LEU D 105 3.81 -5.45 -28.30
CA LEU D 105 5.03 -5.57 -29.06
C LEU D 105 5.62 -6.99 -29.03
N HIS D 106 5.73 -7.51 -27.83
CA HIS D 106 6.24 -8.83 -27.60
C HIS D 106 5.49 -9.85 -28.47
N LEU D 107 4.16 -9.78 -28.43
CA LEU D 107 3.38 -10.70 -29.23
C LEU D 107 3.69 -10.47 -30.72
N ARG D 108 3.85 -9.21 -31.15
CA ARG D 108 4.14 -9.05 -32.54
C ARG D 108 5.51 -9.67 -32.88
N ALA D 109 6.51 -9.45 -32.02
CA ALA D 109 7.83 -9.99 -32.29
C ALA D 109 7.83 -11.55 -32.34
N LEU D 110 7.07 -12.21 -31.44
CA LEU D 110 7.02 -13.64 -31.45
C LEU D 110 6.53 -14.08 -32.81
N HIS D 111 5.38 -13.53 -33.23
CA HIS D 111 4.82 -13.85 -34.53
C HIS D 111 5.80 -13.61 -35.67
N GLU D 112 6.46 -12.46 -35.68
CA GLU D 112 7.41 -12.17 -36.75
C GLU D 112 8.64 -13.13 -36.74
N LEU D 113 9.19 -13.42 -35.57
CA LEU D 113 10.36 -14.29 -35.44
C LEU D 113 10.07 -15.76 -35.80
N GLU D 114 8.95 -16.26 -35.35
CA GLU D 114 8.59 -17.62 -35.66
C GLU D 114 8.34 -17.77 -37.16
N SER D 115 7.92 -16.69 -37.83
CA SER D 115 7.66 -16.72 -39.25
C SER D 115 8.95 -16.81 -40.07
N LEU D 116 10.08 -16.56 -39.42
CA LEU D 116 11.35 -16.55 -40.10
C LEU D 116 12.25 -17.64 -39.60
N ALA D 117 11.82 -18.32 -38.53
CA ALA D 117 12.62 -19.37 -37.88
C ALA D 117 12.86 -20.64 -38.68
N ARG D 118 14.04 -21.26 -38.50
CA ARG D 118 14.39 -22.48 -39.25
C ARG D 118 13.52 -23.64 -38.79
N ASP D 119 13.44 -23.81 -37.48
CA ASP D 119 12.65 -24.86 -36.87
C ASP D 119 11.47 -24.18 -36.19
N PRO D 120 10.28 -24.78 -36.25
CA PRO D 120 9.14 -24.15 -35.59
C PRO D 120 9.15 -24.01 -34.05
N LYS D 121 10.10 -24.61 -33.35
CA LYS D 121 10.15 -24.41 -31.91
C LYS D 121 11.43 -23.65 -31.51
N ALA D 122 12.24 -23.28 -32.50
CA ALA D 122 13.48 -22.59 -32.19
C ALA D 122 13.25 -21.35 -31.30
N VAL D 123 12.29 -20.50 -31.67
CA VAL D 123 12.03 -19.32 -30.92
C VAL D 123 11.71 -19.62 -29.47
N THR D 124 10.68 -20.40 -29.22
CA THR D 124 10.34 -20.70 -27.83
C THR D 124 11.40 -21.45 -27.08
N ASP D 125 12.16 -22.29 -27.79
CA ASP D 125 13.22 -23.05 -27.16
C ASP D 125 14.25 -22.13 -26.54
N ILE D 126 14.67 -21.20 -27.39
CA ILE D 126 15.64 -20.21 -27.02
C ILE D 126 15.13 -19.37 -25.82
N LEU D 127 13.88 -18.92 -25.88
CA LEU D 127 13.33 -18.10 -24.83
C LEU D 127 13.10 -18.80 -23.52
N GLU D 128 12.84 -20.11 -23.59
CA GLU D 128 12.56 -20.85 -22.38
C GLU D 128 13.88 -21.38 -21.81
N GLN D 129 14.79 -21.76 -22.69
CA GLN D 129 16.09 -22.30 -22.28
C GLN D 129 16.66 -21.82 -20.94
N ASP D 130 16.93 -20.54 -20.89
CA ASP D 130 17.51 -19.93 -19.73
C ASP D 130 16.66 -18.81 -19.17
N ALA D 131 15.36 -18.95 -19.31
CA ALA D 131 14.40 -17.99 -18.79
C ALA D 131 14.58 -17.79 -17.27
N VAL D 132 14.74 -18.88 -16.52
CA VAL D 132 14.93 -18.73 -15.08
C VAL D 132 16.23 -17.96 -14.80
N HIS D 133 17.28 -18.29 -15.54
CA HIS D 133 18.52 -17.58 -15.34
C HIS D 133 18.26 -16.08 -15.56
N LEU D 134 17.66 -15.73 -16.69
CA LEU D 134 17.37 -14.33 -16.95
C LEU D 134 16.45 -13.70 -15.88
N CYS D 135 15.24 -14.19 -15.70
CA CYS D 135 14.30 -13.58 -14.75
C CYS D 135 14.70 -13.66 -13.27
N GLY D 136 15.03 -14.85 -12.76
CA GLY D 136 15.46 -14.99 -11.39
C GLY D 136 16.69 -14.12 -11.20
N GLY D 137 17.56 -14.03 -12.22
CA GLY D 137 18.73 -13.19 -12.13
C GLY D 137 18.42 -11.69 -12.00
N GLN D 138 17.42 -11.28 -12.76
CA GLN D 138 16.98 -9.90 -12.75
C GLN D 138 16.51 -9.50 -11.38
N ILE D 139 15.81 -10.38 -10.68
CA ILE D 139 15.37 -10.05 -9.32
C ILE D 139 16.61 -9.88 -8.46
N ARG D 140 17.59 -10.76 -8.58
CA ARG D 140 18.78 -10.59 -7.76
C ARG D 140 19.50 -9.30 -8.10
N THR D 141 19.76 -9.06 -9.38
CA THR D 141 20.47 -7.84 -9.72
C THR D 141 19.72 -6.56 -9.36
N LYS D 142 18.39 -6.57 -9.44
CA LYS D 142 17.64 -5.39 -9.03
C LYS D 142 17.54 -5.28 -7.50
N ARG D 143 17.80 -6.33 -6.73
CA ARG D 143 17.64 -6.17 -5.29
C ARG D 143 18.83 -6.37 -4.40
N SER D 144 20.01 -6.47 -4.97
CA SER D 144 21.18 -6.64 -4.14
C SER D 144 22.24 -5.78 -4.76
N ARG D 145 23.32 -5.47 -4.05
CA ARG D 145 24.31 -4.60 -4.71
C ARG D 145 25.72 -5.18 -4.83
N ALA D 146 26.32 -4.95 -6.00
CA ALA D 146 27.65 -5.40 -6.28
C ALA D 146 28.61 -4.60 -5.40
N THR D 147 29.50 -5.28 -4.69
CA THR D 147 30.43 -4.61 -3.81
C THR D 147 31.91 -4.80 -4.19
N ASN D 148 32.13 -5.51 -5.30
CA ASN D 148 33.46 -5.78 -5.83
C ASN D 148 33.33 -6.21 -7.31
N LEU D 149 34.44 -6.43 -8.00
CA LEU D 149 34.37 -6.79 -9.41
C LEU D 149 33.67 -8.08 -9.74
N ARG D 150 33.88 -9.10 -8.93
CA ARG D 150 33.27 -10.37 -9.19
C ARG D 150 31.77 -10.21 -9.14
N GLU D 151 31.24 -9.60 -8.08
CA GLU D 151 29.81 -9.43 -7.95
C GLU D 151 29.25 -8.56 -9.04
N TRP D 152 29.95 -7.49 -9.38
CA TRP D 152 29.50 -6.62 -10.44
C TRP D 152 29.31 -7.38 -11.76
N ARG D 153 30.34 -8.12 -12.15
CA ARG D 153 30.39 -8.93 -13.36
C ARG D 153 29.21 -9.94 -13.39
N ALA D 154 28.89 -10.51 -12.25
CA ALA D 154 27.80 -11.47 -12.16
C ALA D 154 26.48 -10.81 -12.53
N HIS D 155 26.22 -9.63 -11.95
CA HIS D 155 24.99 -8.94 -12.30
C HIS D 155 25.00 -8.61 -13.77
N ALA D 156 26.06 -7.94 -14.21
CA ALA D 156 26.19 -7.56 -15.60
C ALA D 156 25.98 -8.81 -16.49
N SER D 157 26.37 -9.96 -15.98
CA SER D 157 26.25 -11.16 -16.77
C SER D 157 24.81 -11.59 -17.09
N THR D 158 23.85 -11.13 -16.28
CA THR D 158 22.49 -11.53 -16.54
C THR D 158 21.76 -10.43 -17.29
N TYR D 159 21.79 -9.22 -16.74
CA TYR D 159 21.04 -8.13 -17.39
C TYR D 159 21.77 -7.64 -18.60
N GLY D 160 22.96 -8.16 -18.83
CA GLY D 160 23.68 -7.72 -19.97
C GLY D 160 23.92 -8.85 -20.91
N SER D 161 24.77 -9.77 -20.48
CA SER D 161 25.14 -10.87 -21.37
C SER D 161 24.05 -11.88 -21.66
N THR D 162 23.35 -12.35 -20.64
CA THR D 162 22.33 -13.28 -20.93
C THR D 162 21.25 -12.61 -21.77
N PHE D 163 20.79 -11.44 -21.33
CA PHE D 163 19.78 -10.70 -22.09
C PHE D 163 20.07 -10.63 -23.61
N LEU D 164 21.25 -10.14 -23.97
CA LEU D 164 21.57 -10.01 -25.37
C LEU D 164 21.88 -11.35 -26.10
N GLY D 165 22.51 -12.27 -25.35
CA GLY D 165 22.84 -13.60 -25.85
C GLY D 165 21.58 -14.25 -26.44
N ARG D 166 20.44 -14.12 -25.76
CA ARG D 166 19.20 -14.68 -26.28
C ARG D 166 18.85 -14.07 -27.65
N TYR D 167 19.11 -12.79 -27.79
CA TYR D 167 18.78 -12.17 -29.07
C TYR D 167 19.78 -12.58 -30.14
N GLY D 168 21.02 -12.86 -29.75
CA GLY D 168 21.99 -13.38 -30.73
C GLY D 168 21.45 -14.74 -31.24
N ALA D 169 21.12 -15.66 -30.32
CA ALA D 169 20.55 -16.98 -30.64
C ALA D 169 19.36 -16.88 -31.59
N LEU D 170 18.46 -15.91 -31.27
CA LEU D 170 17.29 -15.63 -32.10
C LEU D 170 17.72 -15.11 -33.47
N ALA D 171 18.76 -14.27 -33.53
CA ALA D 171 19.20 -13.74 -34.82
C ALA D 171 19.70 -14.90 -35.66
N ALA D 172 20.43 -15.79 -35.01
CA ALA D 172 20.95 -16.95 -35.68
C ALA D 172 19.81 -17.91 -36.10
N ALA D 173 18.80 -18.12 -35.26
CA ALA D 173 17.76 -19.05 -35.61
C ALA D 173 16.90 -18.56 -36.75
N CYS D 174 16.74 -17.24 -36.83
CA CYS D 174 15.90 -16.67 -37.88
C CYS D 174 16.71 -16.06 -39.01
N GLY D 175 18.03 -16.16 -38.96
CA GLY D 175 18.88 -15.54 -39.96
C GLY D 175 19.12 -16.21 -41.27
N GLY D 176 18.38 -17.28 -41.51
CA GLY D 176 18.53 -17.99 -42.76
C GLY D 176 19.74 -18.90 -42.71
N GLU D 177 20.47 -18.95 -43.81
CA GLU D 177 21.64 -19.82 -43.91
C GLU D 177 22.93 -19.06 -43.66
N GLY D 178 23.93 -19.76 -43.15
CA GLY D 178 25.23 -19.16 -42.91
C GLY D 178 25.40 -18.59 -41.52
N GLN D 179 24.55 -18.99 -40.59
CA GLN D 179 24.61 -18.46 -39.22
C GLN D 179 25.41 -19.34 -38.24
N PRO D 180 26.58 -18.90 -37.83
CA PRO D 180 27.32 -19.75 -36.88
C PRO D 180 26.70 -19.58 -35.50
N ALA D 181 25.62 -20.32 -35.21
CA ALA D 181 24.87 -20.18 -33.94
C ALA D 181 25.61 -19.85 -32.63
N ASP D 182 26.61 -20.67 -32.29
CA ASP D 182 27.29 -20.43 -31.06
C ASP D 182 28.08 -19.18 -31.07
N SER D 183 28.57 -18.78 -32.23
CA SER D 183 29.36 -17.56 -32.34
C SER D 183 28.54 -16.28 -32.20
N VAL D 184 27.40 -16.22 -32.87
CA VAL D 184 26.59 -15.03 -32.80
C VAL D 184 26.24 -14.73 -31.35
N ARG D 185 25.92 -15.77 -30.59
CA ARG D 185 25.61 -15.62 -29.18
C ARG D 185 26.84 -15.20 -28.37
N GLU D 186 28.01 -15.77 -28.68
CA GLU D 186 29.28 -15.43 -28.00
C GLU D 186 29.55 -13.97 -28.28
N PHE D 187 29.37 -13.55 -29.53
CA PHE D 187 29.59 -12.16 -29.84
C PHE D 187 28.60 -11.30 -29.05
N ALA D 188 27.32 -11.65 -29.04
CA ALA D 188 26.38 -10.85 -28.30
C ALA D 188 26.67 -10.74 -26.81
N GLU D 189 27.03 -11.87 -26.20
CA GLU D 189 27.28 -11.86 -24.78
C GLU D 189 28.48 -11.03 -24.41
N ALA D 190 29.55 -11.14 -25.19
CA ALA D 190 30.76 -10.35 -24.90
C ALA D 190 30.47 -8.87 -25.13
N PHE D 191 29.91 -8.58 -26.29
CA PHE D 191 29.56 -7.24 -26.66
C PHE D 191 28.58 -6.58 -25.63
N ALA D 192 27.65 -7.34 -25.08
CA ALA D 192 26.74 -6.74 -24.13
C ALA D 192 27.49 -6.34 -22.88
N MET D 193 28.42 -7.16 -22.40
CA MET D 193 29.11 -6.81 -21.18
C MET D 193 29.92 -5.51 -21.33
N THR D 194 30.49 -5.34 -22.52
CA THR D 194 31.24 -4.12 -22.79
C THR D 194 30.34 -2.88 -22.73
N ILE D 195 29.14 -2.91 -23.33
CA ILE D 195 28.18 -1.78 -23.31
C ILE D 195 27.86 -1.49 -21.83
N THR D 196 27.63 -2.56 -21.11
CA THR D 196 27.32 -2.55 -19.70
C THR D 196 28.36 -1.72 -18.87
N MET D 197 29.65 -1.91 -19.11
CA MET D 197 30.67 -1.18 -18.40
C MET D 197 30.63 0.28 -18.82
N ALA D 198 30.49 0.50 -20.12
CA ALA D 198 30.41 1.85 -20.69
C ALA D 198 29.30 2.63 -20.01
N ASP D 199 28.16 1.96 -19.83
CA ASP D 199 27.04 2.60 -19.21
C ASP D 199 27.28 2.90 -17.74
N ASP D 200 27.99 2.05 -17.02
CA ASP D 200 28.23 2.38 -15.64
C ASP D 200 29.14 3.56 -15.57
N LEU D 201 30.18 3.56 -16.40
CA LEU D 201 31.11 4.66 -16.38
C LEU D 201 30.47 5.97 -16.83
N THR D 202 29.44 5.88 -17.66
CA THR D 202 28.81 7.11 -18.10
C THR D 202 27.84 7.63 -17.05
N ASP D 203 27.04 6.72 -16.51
CA ASP D 203 26.03 7.08 -15.53
C ASP D 203 26.56 7.57 -14.19
N TYR D 204 27.84 7.34 -13.91
CA TYR D 204 28.41 7.81 -12.66
C TYR D 204 28.33 9.35 -12.67
N ASP D 205 28.35 9.93 -13.88
CA ASP D 205 28.27 11.39 -14.04
C ASP D 205 26.95 11.87 -14.64
N ARG D 206 26.38 11.08 -15.54
CA ARG D 206 25.14 11.51 -16.14
C ARG D 206 23.94 11.45 -15.17
N ASN D 207 24.00 10.50 -14.23
CA ASN D 207 22.95 10.28 -13.25
C ASN D 207 23.46 10.28 -11.82
N GLY D 208 24.72 10.58 -11.62
CA GLY D 208 25.20 10.55 -10.26
C GLY D 208 25.08 9.19 -9.57
N GLU D 209 25.04 8.12 -10.36
CA GLU D 209 24.92 6.78 -9.78
C GLU D 209 26.12 6.33 -8.95
N ARG D 210 25.88 5.67 -7.83
CA ARG D 210 26.99 5.23 -7.01
C ARG D 210 26.93 3.80 -6.55
N ASP D 211 25.86 3.37 -5.89
CA ASP D 211 25.79 1.99 -5.41
C ASP D 211 25.88 0.95 -6.47
N GLY D 212 26.85 0.06 -6.30
CA GLY D 212 27.05 -0.99 -7.28
C GLY D 212 27.54 -0.43 -8.60
N ASN D 213 27.82 0.87 -8.67
CA ASN D 213 28.31 1.43 -9.91
C ASN D 213 29.83 1.20 -10.03
N LEU D 214 30.21 0.54 -11.11
CA LEU D 214 31.60 0.18 -11.34
C LEU D 214 32.62 1.31 -11.10
N ALA D 215 32.35 2.49 -11.64
CA ALA D 215 33.22 3.64 -11.47
C ALA D 215 33.31 4.00 -9.98
N HIS D 216 32.20 3.91 -9.25
CA HIS D 216 32.23 4.21 -7.81
C HIS D 216 33.11 3.15 -7.11
N LEU D 217 32.88 1.87 -7.42
CA LEU D 217 33.65 0.77 -6.85
C LEU D 217 35.16 0.99 -7.14
N MET D 218 35.44 1.59 -8.30
CA MET D 218 36.82 1.87 -8.63
C MET D 218 37.32 3.00 -7.74
N ARG D 219 36.61 4.14 -7.75
CA ARG D 219 37.02 5.27 -6.95
C ARG D 219 37.14 4.90 -5.49
N THR D 220 36.40 3.90 -5.06
CA THR D 220 36.46 3.49 -3.68
C THR D 220 37.56 2.50 -3.40
N GLY D 221 38.22 2.01 -4.45
CA GLY D 221 39.28 1.04 -4.25
C GLY D 221 38.76 -0.40 -4.09
N ALA D 222 37.45 -0.58 -4.23
CA ALA D 222 36.88 -1.94 -4.13
C ALA D 222 37.15 -2.69 -5.47
N VAL D 223 37.50 -1.94 -6.48
CA VAL D 223 37.74 -2.51 -7.78
C VAL D 223 38.97 -1.83 -8.33
N ALA D 224 39.93 -2.66 -8.70
CA ALA D 224 41.21 -2.26 -9.25
C ALA D 224 41.13 -1.83 -10.72
N GLY D 225 41.56 -0.61 -11.01
CA GLY D 225 41.51 -0.14 -12.38
C GLY D 225 42.03 -1.21 -13.34
N GLN D 226 43.15 -1.87 -13.00
CA GLN D 226 43.74 -2.88 -13.89
C GLN D 226 42.79 -4.01 -14.21
N ASP D 227 42.17 -4.57 -13.19
CA ASP D 227 41.21 -5.62 -13.45
C ASP D 227 40.14 -5.12 -14.47
N VAL D 228 39.69 -3.89 -14.32
CA VAL D 228 38.71 -3.39 -15.23
C VAL D 228 39.33 -3.45 -16.61
N VAL D 229 40.51 -2.87 -16.77
CA VAL D 229 41.20 -2.89 -18.05
C VAL D 229 41.35 -4.32 -18.54
N ASP D 230 41.72 -5.21 -17.64
CA ASP D 230 41.87 -6.58 -18.06
C ASP D 230 40.55 -7.13 -18.65
N LEU D 231 39.46 -6.94 -17.90
CA LEU D 231 38.12 -7.38 -18.30
C LEU D 231 37.69 -6.82 -19.69
N LEU D 232 38.01 -5.54 -19.92
CA LEU D 232 37.65 -4.91 -21.19
C LEU D 232 38.39 -5.58 -22.29
N GLU D 233 39.65 -5.82 -22.03
CA GLU D 233 40.47 -6.47 -23.02
C GLU D 233 39.92 -7.86 -23.28
N GLU D 234 39.61 -8.60 -22.22
CA GLU D 234 39.10 -9.93 -22.44
C GLU D 234 37.80 -9.95 -23.27
N LEU D 235 36.93 -8.96 -23.04
CA LEU D 235 35.66 -8.89 -23.74
C LEU D 235 35.89 -8.57 -25.21
N ARG D 236 36.88 -7.73 -25.52
CA ARG D 236 37.22 -7.41 -26.92
C ARG D 236 37.58 -8.74 -27.65
N GLY D 237 38.59 -9.42 -27.09
CA GLY D 237 39.03 -10.70 -27.61
C GLY D 237 37.85 -11.67 -27.67
N ARG D 238 37.07 -11.88 -26.59
CA ARG D 238 35.96 -12.83 -26.73
C ARG D 238 35.10 -12.46 -27.94
N ALA D 239 34.99 -11.16 -28.25
CA ALA D 239 34.15 -10.73 -29.38
C ALA D 239 34.78 -10.93 -30.74
N LEU D 240 36.01 -10.44 -30.90
CA LEU D 240 36.78 -10.58 -32.14
C LEU D 240 36.90 -12.06 -32.53
N ALA D 241 37.17 -12.90 -31.53
CA ALA D 241 37.27 -14.33 -31.81
C ALA D 241 35.94 -14.81 -32.40
N ALA D 242 34.86 -14.37 -31.77
CA ALA D 242 33.54 -14.78 -32.20
C ALA D 242 33.23 -14.42 -33.66
N VAL D 243 33.61 -13.22 -34.09
CA VAL D 243 33.29 -12.79 -35.44
C VAL D 243 34.27 -13.27 -36.48
N ALA D 244 35.32 -13.95 -35.99
CA ALA D 244 36.36 -14.56 -36.82
C ALA D 244 35.92 -15.94 -37.29
N ALA D 245 35.31 -16.68 -36.36
CA ALA D 245 34.84 -18.04 -36.63
C ALA D 245 34.13 -18.13 -37.98
N PRO D 246 34.46 -19.13 -38.79
CA PRO D 246 33.75 -19.14 -40.06
C PRO D 246 32.28 -19.37 -39.79
N PRO D 247 31.42 -18.83 -40.64
CA PRO D 247 31.68 -18.00 -41.84
C PRO D 247 32.35 -16.65 -41.62
N GLY D 248 32.15 -16.08 -40.46
CA GLY D 248 32.78 -14.78 -40.25
C GLY D 248 31.81 -13.60 -40.48
N ALA D 249 32.05 -12.54 -39.72
CA ALA D 249 31.26 -11.32 -39.83
C ALA D 249 32.34 -10.29 -39.72
N PRO D 250 33.21 -10.24 -40.72
CA PRO D 250 34.32 -9.27 -40.71
C PRO D 250 33.85 -7.83 -40.35
N GLY D 251 32.66 -7.49 -40.86
CA GLY D 251 32.05 -6.19 -40.61
C GLY D 251 31.92 -5.80 -39.14
N LEU D 252 31.84 -6.78 -38.26
CA LEU D 252 31.78 -6.47 -36.86
C LEU D 252 33.11 -6.09 -36.21
N VAL D 253 34.23 -6.38 -36.87
CA VAL D 253 35.53 -6.04 -36.25
C VAL D 253 35.69 -4.56 -35.85
N PRO D 254 35.45 -3.64 -36.79
CA PRO D 254 35.61 -2.25 -36.35
C PRO D 254 34.58 -1.85 -35.25
N VAL D 255 33.35 -2.39 -35.34
CA VAL D 255 32.33 -2.11 -34.34
C VAL D 255 32.89 -2.53 -32.95
N VAL D 256 33.40 -3.74 -32.86
CA VAL D 256 33.96 -4.25 -31.60
C VAL D 256 35.07 -3.34 -31.10
N HIS D 257 35.93 -2.91 -31.99
CA HIS D 257 37.04 -2.06 -31.56
C HIS D 257 36.55 -0.72 -31.10
N LEU D 258 35.61 -0.15 -31.86
CA LEU D 258 35.03 1.15 -31.50
C LEU D 258 34.47 1.19 -30.06
N TYR D 259 33.58 0.25 -29.77
CA TYR D 259 32.97 0.24 -28.48
C TYR D 259 33.95 -0.08 -27.37
N THR D 260 34.99 -0.86 -27.68
CA THR D 260 35.94 -1.15 -26.62
C THR D 260 36.89 0.01 -26.40
N ASP D 261 37.37 0.57 -27.48
CA ASP D 261 38.32 1.66 -27.37
C ASP D 261 37.70 2.84 -26.69
N ASP D 262 36.42 3.02 -26.97
CA ASP D 262 35.65 4.09 -26.37
C ASP D 262 35.81 4.02 -24.82
N VAL D 263 35.51 2.88 -24.23
CA VAL D 263 35.65 2.70 -22.80
C VAL D 263 37.06 2.93 -22.27
N LEU D 264 38.05 2.42 -23.00
CA LEU D 264 39.45 2.56 -22.59
C LEU D 264 40.02 3.96 -22.79
N VAL D 265 39.70 4.61 -23.90
CA VAL D 265 40.25 5.95 -24.07
C VAL D 265 39.40 7.04 -23.41
N ARG D 266 38.16 7.19 -23.83
CA ARG D 266 37.30 8.23 -23.24
C ARG D 266 36.84 7.98 -21.81
N LEU D 267 35.86 7.10 -21.63
CA LEU D 267 35.31 6.82 -20.31
C LEU D 267 36.22 6.41 -19.13
N LEU D 268 37.05 5.40 -19.31
CA LEU D 268 37.90 4.88 -18.22
C LEU D 268 38.89 5.80 -17.54
N PRO D 269 39.54 6.70 -18.28
CA PRO D 269 40.52 7.62 -17.69
C PRO D 269 39.99 8.51 -16.58
N ARG D 270 38.83 9.14 -16.76
CA ARG D 270 38.26 9.99 -15.71
C ARG D 270 38.17 9.28 -14.33
N HIS D 271 38.07 7.95 -14.32
CA HIS D 271 37.94 7.16 -13.08
C HIS D 271 39.20 6.33 -12.83
N LEU D 272 40.04 6.26 -13.85
CA LEU D 272 41.29 5.52 -13.76
C LEU D 272 42.28 6.56 -13.25
N GLY D 273 42.86 6.30 -12.10
CA GLY D 273 43.80 7.26 -11.54
C GLY D 273 43.09 8.03 -10.44
N GLU D 274 42.47 7.24 -9.55
CA GLU D 274 41.73 7.72 -8.39
C GLU D 274 41.41 6.47 -7.56
N ALA D 275 41.76 5.30 -8.10
CA ALA D 275 41.52 4.00 -7.47
C ALA D 275 42.20 3.75 -6.12
N GLY D 276 43.54 3.76 -6.10
CA GLY D 276 44.27 3.53 -4.86
C GLY D 276 43.65 2.48 -3.94
N ALA D 277 43.91 1.21 -4.26
CA ALA D 277 43.39 0.08 -3.51
C ALA D 277 43.65 0.19 -2.01
N GLY D 278 43.33 -0.89 -1.28
CA GLY D 278 43.51 -0.92 0.16
C GLY D 278 44.65 -1.80 0.70
N ALA D 279 45.13 -2.72 -0.14
CA ALA D 279 46.23 -3.62 0.22
C ALA D 279 47.18 -3.61 -0.96
N MET D 280 46.59 -3.43 -2.15
CA MET D 280 47.30 -3.38 -3.43
C MET D 280 48.12 -2.09 -3.49
N ALA D 281 48.16 -1.38 -2.36
CA ALA D 281 48.86 -0.10 -2.25
C ALA D 281 50.23 -0.22 -1.58
N THR D 282 51.29 -0.43 -2.38
CA THR D 282 52.64 -0.57 -1.81
C THR D 282 53.80 -0.06 -2.69
N VAL D 283 54.58 0.88 -2.14
CA VAL D 283 55.76 1.42 -2.83
C VAL D 283 56.95 0.69 -2.22
N LYS D 284 57.83 0.17 -3.05
CA LYS D 284 58.99 -0.54 -2.53
C LYS D 284 60.27 0.22 -2.88
N PHE D 285 61.17 0.32 -1.91
CA PHE D 285 62.43 1.04 -2.11
C PHE D 285 63.44 0.68 -1.02
N LYS D 286 64.56 1.39 -0.99
CA LYS D 286 65.63 1.17 0.00
C LYS D 286 65.95 2.45 0.79
N TYR D 287 65.51 2.54 2.05
CA TYR D 287 65.77 3.74 2.87
C TYR D 287 66.76 3.55 4.01
N LYS D 288 67.93 4.16 3.87
CA LYS D 288 69.01 4.08 4.86
C LYS D 288 69.61 2.68 4.81
N GLY D 289 69.77 2.13 3.61
CA GLY D 289 70.32 0.81 3.44
C GLY D 289 69.24 -0.28 3.53
N GLU D 290 68.32 -0.10 4.48
CA GLU D 290 67.20 -1.01 4.74
C GLU D 290 66.22 -1.04 3.55
N GLU D 291 65.84 -2.24 3.11
CA GLU D 291 64.91 -2.37 2.00
C GLU D 291 63.45 -2.31 2.48
N LYS D 292 62.88 -1.10 2.50
CA LYS D 292 61.52 -0.85 2.96
C LYS D 292 60.44 -1.02 1.89
N GLU D 293 59.19 -1.07 2.35
CA GLU D 293 58.00 -1.16 1.51
C GLU D 293 56.89 -0.50 2.32
N VAL D 294 56.31 0.57 1.77
CA VAL D 294 55.25 1.33 2.45
C VAL D 294 53.90 1.15 1.79
N ASP D 295 52.85 1.40 2.56
CA ASP D 295 51.49 1.29 2.07
C ASP D 295 51.10 2.63 1.46
N ILE D 296 50.51 2.61 0.25
CA ILE D 296 50.11 3.84 -0.44
C ILE D 296 49.29 4.83 0.39
N SER D 297 48.63 4.33 1.43
CA SER D 297 47.84 5.23 2.25
C SER D 297 48.68 5.88 3.35
N LYS D 298 49.91 5.40 3.54
CA LYS D 298 50.83 5.99 4.53
C LYS D 298 51.39 7.27 3.89
N ILE D 299 51.48 7.24 2.57
CA ILE D 299 52.00 8.36 1.77
C ILE D 299 51.25 9.69 1.97
N LYS D 300 51.96 10.69 2.50
CA LYS D 300 51.44 12.05 2.76
C LYS D 300 51.71 12.96 1.55
N LYS D 301 52.94 13.47 1.43
CA LYS D 301 53.29 14.34 0.31
C LYS D 301 54.06 13.55 -0.79
N VAL D 302 53.85 13.93 -2.05
CA VAL D 302 54.49 13.26 -3.17
C VAL D 302 54.82 14.24 -4.28
N TRP D 303 56.12 14.50 -4.47
CA TRP D 303 56.58 15.43 -5.49
C TRP D 303 57.60 14.84 -6.44
N ARG D 304 57.88 15.58 -7.51
CA ARG D 304 58.82 15.16 -8.53
C ARG D 304 60.02 16.10 -8.67
N VAL D 305 61.18 15.48 -8.87
CA VAL D 305 62.47 16.16 -9.06
C VAL D 305 63.19 15.46 -10.23
N GLY D 306 63.05 16.03 -11.42
CA GLY D 306 63.65 15.43 -12.60
C GLY D 306 62.88 14.14 -12.83
N LYS D 307 63.57 12.99 -12.90
CA LYS D 307 62.87 11.72 -13.09
C LYS D 307 62.76 10.91 -11.78
N MET D 308 62.91 11.62 -10.67
CA MET D 308 62.79 11.00 -9.37
C MET D 308 61.47 11.44 -8.66
N ILE D 309 60.88 10.49 -7.94
CA ILE D 309 59.64 10.68 -7.18
C ILE D 309 59.98 10.59 -5.68
N SER D 310 60.10 11.73 -5.03
CA SER D 310 60.43 11.81 -3.60
C SER D 310 59.09 11.83 -2.82
N PHE D 311 59.00 11.13 -1.70
CA PHE D 311 57.75 11.14 -0.98
C PHE D 311 57.96 10.98 0.52
N THR D 312 56.99 11.45 1.30
CA THR D 312 57.05 11.29 2.73
C THR D 312 55.84 10.46 3.09
N TYR D 313 56.01 9.47 3.96
CA TYR D 313 54.90 8.64 4.37
C TYR D 313 54.70 8.71 5.87
N ASP D 314 53.92 7.79 6.43
CA ASP D 314 53.70 7.79 7.86
C ASP D 314 54.09 6.45 8.47
N GLU D 315 54.75 6.54 9.61
CA GLU D 315 55.24 5.39 10.37
C GLU D 315 55.20 5.64 11.89
N GLY D 316 55.04 4.58 12.67
CA GLY D 316 55.02 4.70 14.12
C GLY D 316 54.26 5.88 14.70
N GLY D 317 53.04 6.13 14.23
CA GLY D 317 52.22 7.23 14.76
C GLY D 317 52.65 8.68 14.52
N GLY D 318 53.47 9.24 15.42
CA GLY D 318 53.93 10.61 15.27
C GLY D 318 55.22 10.77 14.45
N LYS D 319 55.67 9.67 13.83
CA LYS D 319 56.90 9.62 13.00
C LYS D 319 56.68 9.76 11.46
N THR D 320 57.34 10.75 10.85
CA THR D 320 57.26 10.98 9.39
C THR D 320 58.35 10.23 8.64
N GLY D 321 57.94 9.41 7.66
CA GLY D 321 58.88 8.64 6.86
C GLY D 321 59.35 9.37 5.61
N ARG D 322 60.31 8.76 4.90
CA ARG D 322 60.87 9.37 3.69
C ARG D 322 61.42 8.38 2.67
N GLY D 323 61.35 8.75 1.39
CA GLY D 323 61.85 7.90 0.33
C GLY D 323 61.95 8.63 -1.00
N ALA D 324 62.37 7.90 -2.04
CA ALA D 324 62.51 8.44 -3.40
C ALA D 324 62.82 7.32 -4.37
N VAL D 325 62.10 7.25 -5.47
CA VAL D 325 62.33 6.20 -6.44
C VAL D 325 62.21 6.80 -7.83
N SER D 326 62.71 6.09 -8.85
CA SER D 326 62.59 6.59 -10.21
C SER D 326 61.15 6.27 -10.59
N GLU D 327 60.50 7.15 -11.35
CA GLU D 327 59.13 6.87 -11.73
C GLU D 327 59.06 5.52 -12.44
N LYS D 328 60.18 5.12 -13.05
CA LYS D 328 60.25 3.85 -13.75
C LYS D 328 59.99 2.70 -12.76
N ASP D 329 60.22 2.95 -11.47
CA ASP D 329 60.06 1.97 -10.39
C ASP D 329 58.93 2.32 -9.42
N ALA D 330 58.12 3.32 -9.78
CA ALA D 330 57.00 3.79 -8.96
C ALA D 330 55.65 3.21 -9.40
N PRO D 331 54.87 2.65 -8.44
CA PRO D 331 53.57 2.09 -8.79
C PRO D 331 52.57 3.17 -9.22
N LYS D 332 51.70 2.84 -10.19
CA LYS D 332 50.70 3.79 -10.70
C LYS D 332 49.98 4.58 -9.58
N GLU D 333 49.97 4.00 -8.37
CA GLU D 333 49.35 4.60 -7.18
C GLU D 333 50.14 5.76 -6.59
N LEU D 334 51.45 5.56 -6.38
CA LEU D 334 52.30 6.64 -5.85
C LEU D 334 52.30 7.71 -6.93
N LEU D 335 52.54 7.29 -8.17
CA LEU D 335 52.56 8.18 -9.32
C LEU D 335 51.25 8.96 -9.46
N GLN D 336 50.13 8.33 -9.15
CA GLN D 336 48.83 8.99 -9.24
C GLN D 336 48.65 10.18 -8.29
N MET D 337 49.18 10.07 -7.08
CA MET D 337 49.07 11.15 -6.09
C MET D 337 49.83 12.37 -6.57
N LEU D 338 50.73 12.17 -7.51
CA LEU D 338 51.52 13.25 -8.04
C LEU D 338 50.68 14.23 -8.84
N GLU D 339 49.81 13.70 -9.69
CA GLU D 339 48.93 14.53 -10.54
C GLU D 339 47.82 15.23 -9.76
N LYS D 340 47.49 14.71 -8.58
CA LYS D 340 46.45 15.32 -7.76
C LYS D 340 47.03 16.44 -6.88
N GLN D 341 48.31 16.29 -6.51
CA GLN D 341 49.02 17.25 -5.65
C GLN D 341 49.72 18.42 -6.37
N LYS D 342 51.05 18.48 -6.27
CA LYS D 342 51.80 19.58 -6.90
C LYS D 342 51.38 19.87 -8.35
N LYS D 343 50.79 18.89 -9.03
CA LYS D 343 50.32 19.09 -10.41
C LYS D 343 48.81 19.29 -10.49
#